data_7VMC
#
_entry.id   7VMC
#
_cell.length_a   101.930
_cell.length_b   102.760
_cell.length_c   88.140
_cell.angle_alpha   90.000
_cell.angle_beta   111.860
_cell.angle_gamma   90.000
#
_symmetry.space_group_name_H-M   'C 1 2 1'
#
loop_
_entity.id
_entity.type
_entity.pdbx_description
1 polymer 'Elongation factor Tu'
2 polymer 'tRNA nuclease CdiA'
3 polymer 'Contact-dependent inhibitor I'
#
loop_
_entity_poly.entity_id
_entity_poly.type
_entity_poly.pdbx_seq_one_letter_code
_entity_poly.pdbx_strand_id
1 'polypeptide(L)'
;MSKEKFERTKPHVNVGTIGHVDHGKTTLTAAITTVLAKTYGGAARAFDQIDNAPEEKARGITINTSHVEYDTPTRHYAHV
DCPGHADYVKNMITGAAQMDGAILVVAATDGPMPQTREHILLGRQVGVPYIIVFLNKCDMVDDEELLELVEMEVRELLSQ
YDFPGDDTPIVRGSALKALEGDAEWEAKILELAGFLDSYIPEPERAIDKPFLLPIEDVFSISGRGTVVTGRVERGIIKVG
EEVEIVGIKETQKSTCTGVEMFRKLLDEGRAGENVGVLLRGIKREEIERGQVLAKPGTIKPHTKFESEVYILSKDEGGRH
TPFFKGYRPQFYFRTTDVTGTIELPEGVEMVMPGDNIKMVVTLIHPIAMDDGLRFAIREGGRTVGAGVVAKVLSLEHHHH
HH
;
A
2 'polypeptide(L)'
;MGSSHHHHHHSSGLVPRGSHMVENNYLSKAQKAQKADELAKCQTAACKAQTEAKWTAIDLGQDGSFAAGMIAGVPAGLYD
AVDSIVKAGSNPTETLEAMKALFNSGDILGSLSDAVKQSYIDRIDRMEAEYQKAGTSGSFNAGVEGGKLITDIAGLLAGG
VGVVKGGAVLTEKVVAKVVGKSESAAAKVGTDIVKTGTVFDSIKATQPAIPGTSIPKSFELHVNGQTVWVNPNATKHMGE
YLTRNGLSHSTAEGSQAMLTSLQSAVKDAFSQGLKFNEKMQVGRWELVFSQRSSDPYPVLKHALYK
;
B
3 'polypeptide(L)'
;MKLTVDSVINEPRSVAITIDGYIPVDIKIIDSKKLPPLYWRGGDGKKNLLELAVLPENGFLSSITLVMIASDSIHKTDSL
SVSLPSSECGVPVVNTKLWSHSESDDFSRRFVDDFSLDIEVIISSESMLLTIGENKKVTSWIKCSDNFYLGIDAGRNVVH
LYLDKLTPSEVESFFEAVG
;
C
#
# COMPACT_ATOMS: atom_id res chain seq x y z
N PRO A 11 29.33 11.40 -11.19
CA PRO A 11 28.96 9.99 -11.35
C PRO A 11 29.08 9.22 -10.04
N HIS A 12 28.00 8.57 -9.62
CA HIS A 12 27.93 7.89 -8.34
C HIS A 12 27.67 6.40 -8.57
N VAL A 13 28.56 5.56 -8.04
CA VAL A 13 28.49 4.12 -8.23
C VAL A 13 28.61 3.43 -6.88
N ASN A 14 27.76 2.43 -6.65
CA ASN A 14 27.72 1.68 -5.40
C ASN A 14 28.38 0.32 -5.60
N VAL A 15 29.32 -0.01 -4.72
CA VAL A 15 30.01 -1.30 -4.73
C VAL A 15 29.90 -1.93 -3.35
N GLY A 16 30.11 -3.25 -3.32
CA GLY A 16 29.96 -4.00 -2.10
C GLY A 16 31.15 -4.92 -2.00
N THR A 17 31.36 -5.42 -0.77
CA THR A 17 32.44 -6.34 -0.48
C THR A 17 31.84 -7.68 -0.08
N ILE A 18 32.45 -8.76 -0.55
CA ILE A 18 32.01 -10.11 -0.24
C ILE A 18 33.27 -10.87 0.17
N GLY A 19 33.21 -11.54 1.31
CA GLY A 19 34.33 -12.35 1.75
C GLY A 19 34.26 -12.61 3.23
N HIS A 20 35.17 -13.46 3.68
CA HIS A 20 35.23 -13.81 5.10
C HIS A 20 35.64 -12.60 5.93
N VAL A 21 35.18 -12.58 7.18
CA VAL A 21 35.36 -11.42 8.04
C VAL A 21 36.83 -11.22 8.37
N ASP A 22 37.51 -12.27 8.81
CA ASP A 22 38.90 -12.19 9.21
C ASP A 22 39.88 -12.37 8.06
N HIS A 23 39.39 -12.33 6.82
CA HIS A 23 40.25 -12.31 5.66
C HIS A 23 40.77 -10.91 5.35
N GLY A 24 40.31 -9.90 6.08
CA GLY A 24 40.89 -8.58 5.98
C GLY A 24 40.15 -7.64 5.03
N LYS A 25 38.81 -7.72 5.00
CA LYS A 25 38.06 -6.85 4.11
C LYS A 25 37.97 -5.43 4.67
N THR A 26 37.84 -5.29 5.99
CA THR A 26 37.83 -3.97 6.59
C THR A 26 39.18 -3.28 6.42
N THR A 27 40.27 -4.05 6.56
CA THR A 27 41.60 -3.51 6.27
C THR A 27 41.69 -3.01 4.84
N LEU A 28 41.13 -3.77 3.90
CA LEU A 28 41.13 -3.36 2.50
C LEU A 28 40.38 -2.05 2.32
N THR A 29 39.21 -1.92 2.96
CA THR A 29 38.43 -0.70 2.81
C THR A 29 39.19 0.51 3.35
N ALA A 30 39.78 0.37 4.53
CA ALA A 30 40.55 1.47 5.11
C ALA A 30 41.72 1.87 4.21
N ALA A 31 42.45 0.87 3.71
CA ALA A 31 43.58 1.16 2.83
C ALA A 31 43.14 1.85 1.55
N ILE A 32 42.04 1.38 0.93
CA ILE A 32 41.53 2.04 -0.27
C ILE A 32 41.23 3.49 0.01
N THR A 33 40.47 3.76 1.08
CA THR A 33 40.10 5.13 1.41
C THR A 33 41.33 6.01 1.59
N THR A 34 42.26 5.58 2.44
CA THR A 34 43.41 6.43 2.76
C THR A 34 44.33 6.62 1.54
N VAL A 35 44.58 5.56 0.79
CA VAL A 35 45.50 5.67 -0.35
C VAL A 35 44.90 6.51 -1.47
N LEU A 36 43.62 6.33 -1.78
CA LEU A 36 43.01 7.16 -2.81
C LEU A 36 42.80 8.59 -2.33
N ALA A 37 42.75 8.81 -1.02
CA ALA A 37 42.74 10.18 -0.51
C ALA A 37 44.11 10.82 -0.63
N LYS A 38 45.18 10.02 -0.55
CA LYS A 38 46.53 10.57 -0.73
C LYS A 38 46.81 10.87 -2.19
N THR A 39 46.67 9.87 -3.06
CA THR A 39 47.11 10.03 -4.44
C THR A 39 46.18 10.94 -5.24
N TYR A 40 44.90 10.97 -4.90
CA TYR A 40 43.95 11.84 -5.56
C TYR A 40 43.41 12.84 -4.53
N GLY A 41 42.40 13.59 -4.93
CA GLY A 41 41.73 14.50 -4.03
C GLY A 41 41.02 13.77 -2.90
N GLY A 42 40.54 14.55 -1.94
CA GLY A 42 39.76 13.99 -0.85
C GLY A 42 38.42 13.48 -1.31
N ALA A 43 37.93 12.44 -0.64
CA ALA A 43 36.64 11.84 -0.98
C ALA A 43 35.50 12.82 -0.70
N ALA A 44 34.63 13.03 -1.69
CA ALA A 44 33.50 13.93 -1.52
C ALA A 44 32.51 13.36 -0.50
N ARG A 45 31.74 14.26 0.12
CA ARG A 45 30.77 13.92 1.16
C ARG A 45 29.37 13.73 0.60
N ALA A 46 29.23 13.59 -0.72
CA ALA A 46 27.91 13.58 -1.34
C ALA A 46 27.07 12.42 -0.80
N PHE A 47 25.75 12.65 -0.76
CA PHE A 47 24.76 11.68 -0.30
C PHE A 47 23.71 11.55 -1.41
N ASP A 48 23.98 10.64 -2.36
CA ASP A 48 23.18 10.55 -3.57
C ASP A 48 22.08 9.49 -3.48
N GLN A 49 22.12 8.59 -2.51
CA GLN A 49 21.26 7.42 -2.53
C GLN A 49 20.32 7.41 -1.32
N ILE A 50 19.22 6.67 -1.48
CA ILE A 50 18.21 6.53 -0.44
C ILE A 50 18.73 5.56 0.62
N ASP A 51 18.01 5.46 1.73
CA ASP A 51 18.40 4.60 2.85
C ASP A 51 17.63 3.28 2.88
N ASN A 52 16.84 2.98 1.86
CA ASN A 52 15.99 1.80 1.91
C ASN A 52 15.82 1.23 0.51
N ALA A 53 14.78 0.41 0.33
CA ALA A 53 14.72 -0.62 -0.70
C ALA A 53 13.31 -0.80 -1.26
N PRO A 54 13.16 -1.50 -2.39
CA PRO A 54 11.81 -1.81 -2.89
C PRO A 54 11.07 -2.75 -1.96
N GLU A 55 9.81 -3.03 -2.28
CA GLU A 55 8.93 -3.85 -1.45
C GLU A 55 8.80 -3.25 -0.04
N GLU A 56 8.09 -2.12 0.00
CA GLU A 56 8.08 -1.25 1.18
C GLU A 56 7.61 -1.95 2.45
N LYS A 57 6.84 -3.04 2.36
CA LYS A 57 6.41 -3.72 3.57
C LYS A 57 7.56 -4.40 4.30
N ALA A 58 8.68 -4.66 3.61
CA ALA A 58 9.88 -5.20 4.22
C ALA A 58 10.79 -4.10 4.78
N ARG A 59 10.27 -2.90 5.00
CA ARG A 59 11.06 -1.82 5.57
C ARG A 59 11.03 -1.89 7.09
N GLY A 60 12.22 -1.81 7.70
CA GLY A 60 12.33 -1.85 9.15
C GLY A 60 12.87 -3.16 9.67
N ILE A 61 13.77 -3.81 8.93
CA ILE A 61 14.38 -5.05 9.39
C ILE A 61 15.64 -4.82 10.23
N THR A 62 16.06 -3.56 10.39
CA THR A 62 17.24 -3.20 11.17
C THR A 62 18.50 -3.90 10.67
N ILE A 63 18.86 -3.63 9.42
CA ILE A 63 20.12 -4.10 8.86
C ILE A 63 21.24 -3.18 9.34
N ASN A 64 22.44 -3.75 9.48
CA ASN A 64 23.55 -2.97 10.03
C ASN A 64 24.21 -2.10 8.96
N THR A 65 24.66 -2.73 7.87
CA THR A 65 25.05 -1.98 6.67
C THR A 65 26.20 -0.99 6.94
N SER A 66 27.38 -1.56 7.19
CA SER A 66 28.58 -0.74 7.35
C SER A 66 28.96 -0.06 6.04
N HIS A 67 29.29 1.23 6.11
CA HIS A 67 29.42 2.09 4.94
C HIS A 67 30.77 2.80 4.93
N VAL A 68 31.31 3.02 3.72
CA VAL A 68 32.46 3.89 3.47
C VAL A 68 32.28 4.56 2.11
N GLU A 69 33.10 5.57 1.84
CA GLU A 69 33.01 6.27 0.57
C GLU A 69 34.40 6.75 0.15
N TYR A 70 34.70 6.61 -1.13
CA TYR A 70 35.94 7.14 -1.66
C TYR A 70 35.69 7.66 -3.08
N ASP A 71 36.72 8.24 -3.67
CA ASP A 71 36.54 8.99 -4.91
C ASP A 71 37.73 8.72 -5.83
N THR A 72 37.43 8.35 -7.06
CA THR A 72 38.38 8.25 -8.17
C THR A 72 38.20 9.42 -9.11
N PRO A 73 39.19 9.70 -9.97
CA PRO A 73 39.04 10.83 -10.90
C PRO A 73 37.82 10.75 -11.79
N THR A 74 37.26 9.56 -12.02
CA THR A 74 36.12 9.42 -12.91
C THR A 74 34.79 9.16 -12.20
N ARG A 75 34.81 8.48 -11.05
CA ARG A 75 33.60 8.10 -10.37
C ARG A 75 33.73 8.36 -8.88
N HIS A 76 32.60 8.39 -8.20
CA HIS A 76 32.55 8.47 -6.75
C HIS A 76 31.89 7.20 -6.24
N TYR A 77 32.62 6.44 -5.43
CA TYR A 77 32.20 5.10 -5.03
C TYR A 77 31.69 5.09 -3.60
N ALA A 78 30.50 4.53 -3.41
CA ALA A 78 29.94 4.22 -2.09
C ALA A 78 30.09 2.72 -1.84
N HIS A 79 30.91 2.34 -0.88
CA HIS A 79 31.26 0.95 -0.63
C HIS A 79 30.57 0.44 0.63
N VAL A 80 29.87 -0.67 0.50
CA VAL A 80 29.07 -1.23 1.59
C VAL A 80 29.53 -2.65 1.90
N ASP A 81 29.57 -2.97 3.19
CA ASP A 81 29.83 -4.34 3.63
C ASP A 81 29.04 -4.64 4.88
N CYS A 82 28.77 -5.92 5.08
CA CYS A 82 27.98 -6.44 6.17
C CYS A 82 28.85 -7.15 7.19
N PRO A 83 28.58 -6.97 8.49
CA PRO A 83 29.46 -7.58 9.51
C PRO A 83 29.27 -9.08 9.67
N GLY A 84 28.06 -9.61 9.50
CA GLY A 84 27.78 -11.01 9.77
C GLY A 84 27.05 -11.66 8.62
N HIS A 85 26.79 -12.96 8.80
CA HIS A 85 26.08 -13.72 7.77
C HIS A 85 24.63 -13.29 7.66
N ALA A 86 23.94 -13.19 8.80
CA ALA A 86 22.54 -12.80 8.77
C ALA A 86 22.37 -11.40 8.20
N ASP A 87 23.25 -10.47 8.58
CA ASP A 87 23.17 -9.12 8.03
C ASP A 87 23.38 -9.13 6.52
N TYR A 88 24.35 -9.92 6.05
CA TYR A 88 24.60 -9.98 4.62
C TYR A 88 23.42 -10.56 3.86
N VAL A 89 22.82 -11.65 4.37
CA VAL A 89 21.72 -12.27 3.65
C VAL A 89 20.48 -11.39 3.68
N LYS A 90 20.25 -10.67 4.78
CA LYS A 90 19.15 -9.72 4.81
C LYS A 90 19.40 -8.56 3.87
N ASN A 91 20.65 -8.14 3.74
CA ASN A 91 21.01 -7.02 2.88
C ASN A 91 20.91 -7.39 1.40
N MET A 92 21.14 -8.65 1.06
CA MET A 92 21.01 -9.09 -0.32
C MET A 92 19.56 -9.39 -0.68
N ILE A 93 18.82 -10.04 0.23
CA ILE A 93 17.45 -10.42 -0.07
C ILE A 93 16.55 -9.19 -0.16
N THR A 94 16.57 -8.33 0.85
CA THR A 94 16.04 -7.00 0.65
C THR A 94 16.96 -6.20 -0.27
N GLY A 95 16.45 -5.10 -0.79
CA GLY A 95 17.26 -4.34 -1.71
C GLY A 95 18.06 -3.23 -1.07
N ALA A 96 18.11 -3.18 0.26
CA ALA A 96 18.81 -2.08 0.93
C ALA A 96 20.25 -2.00 0.45
N ALA A 97 20.75 -0.78 0.28
CA ALA A 97 22.09 -0.55 -0.25
C ALA A 97 22.32 -1.32 -1.56
N GLN A 98 21.56 -0.91 -2.58
CA GLN A 98 21.68 -1.50 -3.91
C GLN A 98 23.12 -1.43 -4.41
N MET A 99 23.52 -2.39 -5.24
CA MET A 99 24.90 -2.53 -5.68
C MET A 99 24.97 -2.69 -7.20
N ASP A 100 25.94 -2.00 -7.81
CA ASP A 100 26.27 -2.21 -9.20
C ASP A 100 27.46 -3.13 -9.41
N GLY A 101 28.18 -3.47 -8.33
CA GLY A 101 29.30 -4.38 -8.43
C GLY A 101 29.75 -4.79 -7.04
N ALA A 102 30.40 -5.94 -6.98
CA ALA A 102 30.88 -6.50 -5.72
C ALA A 102 32.36 -6.78 -5.79
N ILE A 103 33.03 -6.66 -4.65
CA ILE A 103 34.46 -6.90 -4.53
C ILE A 103 34.70 -8.14 -3.66
N LEU A 104 35.09 -9.24 -4.30
CA LEU A 104 35.34 -10.49 -3.59
C LEU A 104 36.69 -10.42 -2.92
N VAL A 105 36.71 -10.62 -1.60
CA VAL A 105 37.92 -10.53 -0.80
C VAL A 105 38.27 -11.93 -0.32
N VAL A 106 39.38 -12.47 -0.79
CA VAL A 106 39.88 -13.76 -0.35
C VAL A 106 41.34 -13.60 0.09
N ALA A 107 41.67 -14.16 1.25
CA ALA A 107 43.04 -14.16 1.71
C ALA A 107 43.81 -15.23 0.96
N ALA A 108 44.98 -14.87 0.42
CA ALA A 108 45.78 -15.85 -0.29
C ALA A 108 46.37 -16.91 0.63
N THR A 109 46.41 -16.64 1.94
CA THR A 109 46.96 -17.60 2.89
C THR A 109 46.08 -18.83 3.02
N ASP A 110 44.77 -18.64 3.14
CA ASP A 110 43.81 -19.74 3.26
C ASP A 110 42.68 -19.53 2.26
N GLY A 111 42.40 -20.55 1.47
CA GLY A 111 41.51 -20.43 0.34
C GLY A 111 40.11 -20.00 0.68
N PRO A 112 39.26 -19.87 -0.35
CA PRO A 112 37.87 -19.48 -0.12
C PRO A 112 37.17 -20.42 0.86
N MET A 113 36.24 -19.85 1.61
CA MET A 113 35.51 -20.58 2.63
C MET A 113 34.15 -21.01 2.12
N PRO A 114 33.56 -22.04 2.72
CA PRO A 114 32.18 -22.40 2.38
C PRO A 114 31.21 -21.23 2.57
N GLN A 115 31.45 -20.38 3.58
CA GLN A 115 30.62 -19.20 3.76
C GLN A 115 30.73 -18.27 2.57
N THR A 116 31.94 -18.07 2.05
CA THR A 116 32.11 -17.24 0.88
C THR A 116 31.44 -17.86 -0.34
N ARG A 117 31.49 -19.20 -0.45
CA ARG A 117 30.82 -19.86 -1.56
C ARG A 117 29.32 -19.64 -1.51
N GLU A 118 28.72 -19.81 -0.32
CA GLU A 118 27.30 -19.54 -0.18
C GLU A 118 26.97 -18.07 -0.45
N HIS A 119 27.87 -17.17 -0.05
CA HIS A 119 27.63 -15.74 -0.28
C HIS A 119 27.62 -15.41 -1.77
N ILE A 120 28.55 -15.96 -2.54
CA ILE A 120 28.55 -15.65 -3.97
C ILE A 120 27.41 -16.38 -4.69
N LEU A 121 26.98 -17.54 -4.18
CA LEU A 121 25.77 -18.15 -4.71
C LEU A 121 24.56 -17.25 -4.50
N LEU A 122 24.44 -16.69 -3.29
CA LEU A 122 23.35 -15.75 -3.02
C LEU A 122 23.47 -14.51 -3.90
N GLY A 123 24.69 -14.02 -4.10
CA GLY A 123 24.90 -12.85 -4.94
C GLY A 123 24.52 -13.09 -6.39
N ARG A 124 24.74 -14.31 -6.88
CA ARG A 124 24.22 -14.67 -8.20
C ARG A 124 22.69 -14.72 -8.19
N GLN A 125 22.11 -15.35 -7.17
CA GLN A 125 20.66 -15.48 -7.11
C GLN A 125 19.97 -14.12 -7.09
N VAL A 126 20.51 -13.17 -6.35
CA VAL A 126 19.97 -11.81 -6.32
C VAL A 126 20.36 -11.00 -7.54
N GLY A 127 21.32 -11.46 -8.34
CA GLY A 127 21.64 -10.80 -9.58
C GLY A 127 22.70 -9.71 -9.50
N VAL A 128 23.73 -9.93 -8.70
CA VAL A 128 24.88 -9.03 -8.66
C VAL A 128 25.55 -9.10 -10.03
N PRO A 129 25.64 -7.99 -10.77
CA PRO A 129 26.04 -8.12 -12.18
C PRO A 129 27.49 -8.47 -12.41
N TYR A 130 28.42 -7.90 -11.62
CA TYR A 130 29.84 -8.10 -11.86
C TYR A 130 30.56 -8.27 -10.53
N ILE A 131 31.60 -9.12 -10.53
CA ILE A 131 32.41 -9.36 -9.35
C ILE A 131 33.87 -9.35 -9.77
N ILE A 132 34.68 -8.54 -9.09
CA ILE A 132 36.13 -8.56 -9.23
C ILE A 132 36.73 -9.04 -7.93
N VAL A 133 37.87 -9.72 -8.02
CA VAL A 133 38.50 -10.40 -6.89
C VAL A 133 39.75 -9.66 -6.47
N PHE A 134 39.94 -9.54 -5.15
CA PHE A 134 41.15 -8.96 -4.57
C PHE A 134 41.75 -10.00 -3.61
N LEU A 135 42.93 -10.48 -3.94
CA LEU A 135 43.65 -11.43 -3.10
C LEU A 135 44.46 -10.64 -2.08
N ASN A 136 44.15 -10.82 -0.80
CA ASN A 136 44.84 -10.11 0.26
C ASN A 136 45.95 -10.95 0.86
N LYS A 137 46.87 -10.27 1.53
CA LYS A 137 47.96 -10.91 2.26
C LYS A 137 48.82 -11.77 1.34
N CYS A 138 48.99 -11.32 0.10
CA CYS A 138 49.92 -11.98 -0.82
C CYS A 138 51.38 -11.71 -0.47
N ASP A 139 51.63 -10.91 0.57
CA ASP A 139 53.00 -10.66 0.99
C ASP A 139 53.51 -11.74 1.92
N MET A 140 52.61 -12.41 2.65
CA MET A 140 52.97 -13.44 3.60
C MET A 140 53.19 -14.81 2.96
N VAL A 141 53.40 -14.84 1.65
CA VAL A 141 53.69 -16.07 0.92
C VAL A 141 54.84 -15.80 -0.04
N ASP A 142 55.82 -16.70 -0.04
CA ASP A 142 57.06 -16.54 -0.81
C ASP A 142 57.08 -17.41 -2.06
N ASP A 143 55.93 -17.55 -2.73
CA ASP A 143 55.87 -18.35 -3.95
C ASP A 143 54.77 -17.83 -4.85
N GLU A 144 55.09 -17.68 -6.14
CA GLU A 144 54.12 -17.18 -7.12
C GLU A 144 53.26 -18.27 -7.73
N GLU A 145 53.62 -19.55 -7.57
CA GLU A 145 52.87 -20.62 -8.21
C GLU A 145 51.62 -20.98 -7.41
N LEU A 146 51.74 -21.03 -6.09
CA LEU A 146 50.55 -21.24 -5.26
C LEU A 146 49.53 -20.13 -5.49
N LEU A 147 50.03 -18.90 -5.66
CA LEU A 147 49.14 -17.80 -6.04
C LEU A 147 48.45 -18.10 -7.36
N GLU A 148 49.16 -18.67 -8.31
CA GLU A 148 48.55 -19.01 -9.59
C GLU A 148 47.44 -20.05 -9.42
N LEU A 149 47.67 -21.06 -8.57
CA LEU A 149 46.66 -22.10 -8.41
C LEU A 149 45.42 -21.57 -7.68
N VAL A 150 45.59 -20.74 -6.65
CA VAL A 150 44.42 -20.22 -5.96
C VAL A 150 43.69 -19.21 -6.84
N GLU A 151 44.43 -18.45 -7.63
CA GLU A 151 43.81 -17.53 -8.58
C GLU A 151 43.04 -18.29 -9.66
N MET A 152 43.47 -19.50 -9.99
CA MET A 152 42.71 -20.31 -10.92
C MET A 152 41.47 -20.89 -10.28
N GLU A 153 41.57 -21.34 -9.02
CA GLU A 153 40.40 -21.97 -8.39
C GLU A 153 39.30 -20.96 -8.07
N VAL A 154 39.64 -19.71 -7.77
CA VAL A 154 38.57 -18.73 -7.54
C VAL A 154 37.83 -18.45 -8.85
N ARG A 155 38.55 -18.36 -9.97
CA ARG A 155 37.89 -18.23 -11.26
C ARG A 155 37.03 -19.45 -11.57
N GLU A 156 37.52 -20.64 -11.20
CA GLU A 156 36.73 -21.85 -11.41
C GLU A 156 35.44 -21.81 -10.61
N LEU A 157 35.50 -21.34 -9.35
CA LEU A 157 34.30 -21.21 -8.53
C LEU A 157 33.32 -20.19 -9.12
N LEU A 158 33.84 -19.02 -9.49
CA LEU A 158 33.01 -18.00 -10.11
C LEU A 158 32.33 -18.52 -11.36
N SER A 159 33.06 -19.26 -12.20
CA SER A 159 32.46 -19.83 -13.40
C SER A 159 31.43 -20.91 -13.03
N GLN A 160 31.67 -21.65 -11.95
CA GLN A 160 30.66 -22.60 -11.48
C GLN A 160 29.34 -21.91 -11.19
N TYR A 161 29.40 -20.77 -10.50
CA TYR A 161 28.18 -20.01 -10.24
C TYR A 161 27.98 -18.90 -11.28
N ASP A 162 28.05 -19.28 -12.55
CA ASP A 162 27.68 -18.44 -13.70
C ASP A 162 28.39 -17.09 -13.72
N PHE A 163 29.46 -16.93 -12.96
CA PHE A 163 30.12 -15.64 -13.21
C PHE A 163 31.21 -15.81 -14.26
N PRO A 164 31.53 -14.76 -15.00
CA PRO A 164 32.61 -14.86 -15.99
C PRO A 164 33.97 -15.03 -15.32
N GLY A 165 34.24 -16.25 -14.84
CA GLY A 165 35.49 -16.50 -14.14
C GLY A 165 36.71 -16.28 -15.00
N ASP A 166 36.60 -16.54 -16.31
CA ASP A 166 37.73 -16.34 -17.21
C ASP A 166 38.06 -14.88 -17.40
N ASP A 167 37.05 -14.00 -17.36
CA ASP A 167 37.22 -12.59 -17.60
C ASP A 167 37.26 -11.77 -16.30
N THR A 168 37.21 -12.42 -15.15
CA THR A 168 37.16 -11.69 -13.89
C THR A 168 38.51 -11.08 -13.57
N PRO A 169 38.58 -9.76 -13.35
CA PRO A 169 39.85 -9.14 -12.92
C PRO A 169 40.22 -9.57 -11.52
N ILE A 170 41.50 -9.92 -11.33
CA ILE A 170 42.00 -10.38 -10.05
C ILE A 170 43.28 -9.62 -9.70
N VAL A 171 43.31 -9.04 -8.51
CA VAL A 171 44.45 -8.27 -8.00
C VAL A 171 45.12 -9.08 -6.89
N ARG A 172 46.45 -9.21 -6.97
CA ARG A 172 47.22 -9.90 -5.93
C ARG A 172 47.93 -8.83 -5.09
N GLY A 173 47.25 -8.34 -4.07
CA GLY A 173 47.82 -7.30 -3.22
C GLY A 173 47.83 -7.61 -1.74
N SER A 174 48.12 -6.61 -0.92
CA SER A 174 48.12 -6.77 0.53
C SER A 174 47.72 -5.44 1.15
N ALA A 175 46.55 -5.40 1.77
CA ALA A 175 46.01 -4.15 2.30
C ALA A 175 46.87 -3.59 3.43
N LEU A 176 47.36 -4.47 4.31
CA LEU A 176 48.11 -4.01 5.47
C LEU A 176 49.38 -3.29 5.05
N LYS A 177 50.21 -3.97 4.25
CA LYS A 177 51.45 -3.33 3.78
C LYS A 177 51.15 -2.12 2.91
N ALA A 178 49.98 -2.09 2.27
CA ALA A 178 49.63 -0.93 1.47
C ALA A 178 49.37 0.29 2.34
N LEU A 179 48.59 0.11 3.42
CA LEU A 179 48.36 1.21 4.34
C LEU A 179 49.54 1.47 5.27
N GLU A 180 50.58 0.64 5.19
CA GLU A 180 51.84 0.93 5.87
C GLU A 180 52.80 1.76 5.01
N GLY A 181 52.32 2.30 3.89
CA GLY A 181 53.07 3.22 3.07
C GLY A 181 54.01 2.61 2.05
N ASP A 182 54.14 1.29 2.02
CA ASP A 182 55.04 0.66 1.08
C ASP A 182 54.47 0.68 -0.34
N ALA A 183 55.28 1.16 -1.29
CA ALA A 183 54.89 1.15 -2.70
C ALA A 183 54.86 -0.29 -3.22
N GLU A 184 54.45 -0.43 -4.48
CA GLU A 184 54.27 -1.71 -5.20
C GLU A 184 53.04 -2.45 -4.67
N TRP A 185 52.46 -1.96 -3.59
CA TRP A 185 51.18 -2.43 -3.07
C TRP A 185 50.11 -1.35 -3.12
N GLU A 186 50.52 -0.11 -2.84
CA GLU A 186 49.67 1.03 -3.17
C GLU A 186 49.32 1.00 -4.65
N ALA A 187 50.30 0.66 -5.50
CA ALA A 187 50.04 0.53 -6.93
C ALA A 187 49.06 -0.60 -7.21
N LYS A 188 49.11 -1.68 -6.41
CA LYS A 188 48.18 -2.79 -6.62
C LYS A 188 46.75 -2.37 -6.28
N ILE A 189 46.55 -1.65 -5.18
CA ILE A 189 45.18 -1.23 -4.88
C ILE A 189 44.74 -0.09 -5.79
N LEU A 190 45.69 0.66 -6.36
CA LEU A 190 45.34 1.62 -7.40
C LEU A 190 44.89 0.92 -8.68
N GLU A 191 45.52 -0.21 -9.01
CA GLU A 191 45.03 -1.02 -10.12
C GLU A 191 43.66 -1.61 -9.79
N LEU A 192 43.42 -1.94 -8.52
CA LEU A 192 42.08 -2.36 -8.10
C LEU A 192 41.06 -1.26 -8.37
N ALA A 193 41.39 -0.02 -8.00
CA ALA A 193 40.48 1.10 -8.26
C ALA A 193 40.31 1.32 -9.76
N GLY A 194 41.37 1.14 -10.54
CA GLY A 194 41.26 1.26 -11.98
C GLY A 194 40.35 0.20 -12.58
N PHE A 195 40.40 -1.01 -12.03
CA PHE A 195 39.46 -2.05 -12.47
C PHE A 195 38.04 -1.69 -12.07
N LEU A 196 37.86 -1.06 -10.91
CA LEU A 196 36.54 -0.54 -10.56
C LEU A 196 36.07 0.47 -11.59
N ASP A 197 36.99 1.30 -12.09
CA ASP A 197 36.59 2.33 -13.04
C ASP A 197 36.27 1.73 -14.41
N SER A 198 37.04 0.73 -14.85
CA SER A 198 36.97 0.24 -16.21
C SER A 198 36.03 -0.95 -16.39
N TYR A 199 36.11 -1.95 -15.50
CA TYR A 199 35.34 -3.17 -15.69
C TYR A 199 33.87 -2.99 -15.30
N ILE A 200 33.59 -2.13 -14.33
CA ILE A 200 32.21 -1.90 -13.90
C ILE A 200 31.54 -0.87 -14.81
N PRO A 201 30.51 -1.25 -15.56
CA PRO A 201 29.82 -0.27 -16.40
C PRO A 201 29.00 0.69 -15.55
N GLU A 202 28.54 1.76 -16.20
CA GLU A 202 27.62 2.68 -15.53
C GLU A 202 26.27 1.99 -15.30
N PRO A 203 25.70 2.10 -14.10
CA PRO A 203 24.44 1.40 -13.83
C PRO A 203 23.31 1.93 -14.70
N GLU A 204 22.40 1.02 -15.06
CA GLU A 204 21.26 1.35 -15.91
C GLU A 204 20.32 2.30 -15.18
N ARG A 205 20.13 3.50 -15.75
CA ARG A 205 19.24 4.49 -15.15
C ARG A 205 17.80 3.99 -15.18
N ALA A 206 17.06 4.29 -14.11
CA ALA A 206 15.68 3.79 -14.01
C ALA A 206 14.78 4.39 -15.09
N ILE A 207 15.09 5.60 -15.54
CA ILE A 207 14.26 6.25 -16.55
C ILE A 207 14.42 5.60 -17.92
N ASP A 208 15.48 4.82 -18.13
CA ASP A 208 15.74 4.18 -19.42
C ASP A 208 15.25 2.75 -19.47
N LYS A 209 14.77 2.20 -18.36
CA LYS A 209 14.25 0.85 -18.29
C LYS A 209 12.86 0.79 -18.91
N PRO A 210 12.34 -0.41 -19.20
CA PRO A 210 10.98 -0.51 -19.71
C PRO A 210 9.95 0.00 -18.71
N PHE A 211 8.91 0.63 -19.22
CA PHE A 211 7.89 1.24 -18.38
C PHE A 211 7.12 0.18 -17.61
N LEU A 212 6.85 0.47 -16.33
CA LEU A 212 6.05 -0.40 -15.48
C LEU A 212 5.42 0.42 -14.36
N LEU A 213 4.13 0.16 -14.11
CA LEU A 213 3.34 0.90 -13.14
C LEU A 213 2.42 -0.02 -12.35
N PRO A 214 2.63 -0.17 -11.05
CA PRO A 214 1.69 -0.96 -10.23
C PRO A 214 0.39 -0.19 -10.03
N ILE A 215 -0.75 -0.87 -10.21
CA ILE A 215 -2.05 -0.25 -9.98
C ILE A 215 -2.35 -0.23 -8.49
N GLU A 216 -2.78 0.92 -7.99
CA GLU A 216 -3.12 1.05 -6.59
C GLU A 216 -4.61 1.29 -6.38
N ASP A 217 -5.20 2.20 -7.14
CA ASP A 217 -6.64 2.44 -7.10
C ASP A 217 -7.14 2.69 -8.51
N VAL A 218 -8.39 2.28 -8.75
CA VAL A 218 -9.04 2.37 -10.05
C VAL A 218 -10.33 3.14 -9.89
N PHE A 219 -10.62 4.04 -10.83
CA PHE A 219 -11.86 4.80 -10.81
C PHE A 219 -12.40 4.91 -12.21
N SER A 220 -13.65 5.41 -12.30
CA SER A 220 -14.28 5.68 -13.58
C SER A 220 -14.90 7.07 -13.51
N ILE A 221 -14.61 7.89 -14.52
CA ILE A 221 -15.13 9.25 -14.62
C ILE A 221 -16.10 9.30 -15.78
N SER A 222 -17.31 9.77 -15.53
CA SER A 222 -18.34 9.81 -16.57
C SER A 222 -17.93 10.76 -17.68
N GLY A 223 -18.02 10.28 -18.91
CA GLY A 223 -17.61 11.05 -20.07
C GLY A 223 -16.12 11.11 -20.31
N ARG A 224 -15.32 10.47 -19.47
CA ARG A 224 -13.86 10.49 -19.59
C ARG A 224 -13.24 9.11 -19.66
N GLY A 225 -13.76 8.14 -18.91
CA GLY A 225 -13.23 6.80 -18.97
C GLY A 225 -12.68 6.28 -17.66
N THR A 226 -11.89 5.22 -17.73
CA THR A 226 -11.28 4.61 -16.56
C THR A 226 -9.90 5.20 -16.31
N VAL A 227 -9.61 5.50 -15.05
CA VAL A 227 -8.32 6.08 -14.65
C VAL A 227 -7.72 5.22 -13.54
N VAL A 228 -6.43 4.91 -13.66
CA VAL A 228 -5.69 4.18 -12.64
C VAL A 228 -4.72 5.13 -11.96
N THR A 229 -4.58 5.00 -10.64
CA THR A 229 -3.76 5.88 -9.83
C THR A 229 -2.71 5.07 -9.08
N GLY A 230 -1.47 5.07 -9.59
CA GLY A 230 -0.35 4.45 -8.91
C GLY A 230 0.91 5.25 -9.19
N ARG A 231 1.98 4.91 -8.46
CA ARG A 231 3.28 5.50 -8.70
C ARG A 231 4.08 4.58 -9.61
N VAL A 232 4.70 5.17 -10.63
CA VAL A 232 5.41 4.40 -11.64
C VAL A 232 6.77 3.97 -11.10
N GLU A 233 7.12 2.70 -11.27
CA GLU A 233 8.35 2.14 -10.74
C GLU A 233 9.54 2.31 -11.68
N ARG A 234 9.35 1.99 -12.97
CA ARG A 234 10.40 2.07 -13.96
C ARG A 234 9.91 2.76 -15.22
N GLY A 235 10.87 3.25 -16.00
CA GLY A 235 10.60 3.77 -17.32
C GLY A 235 9.79 5.05 -17.34
N ILE A 236 9.37 5.41 -18.56
CA ILE A 236 8.61 6.64 -18.81
C ILE A 236 7.40 6.28 -19.66
N ILE A 237 6.28 6.94 -19.40
CA ILE A 237 5.05 6.74 -20.14
C ILE A 237 4.56 8.08 -20.65
N LYS A 238 4.29 8.16 -21.96
CA LYS A 238 3.82 9.38 -22.59
C LYS A 238 2.43 9.18 -23.15
N VAL A 239 1.76 10.30 -23.45
CA VAL A 239 0.37 10.25 -23.91
C VAL A 239 0.30 9.67 -25.32
N GLY A 240 -0.70 8.81 -25.55
CA GLY A 240 -0.92 8.21 -26.83
C GLY A 240 -0.31 6.83 -27.03
N GLU A 241 0.51 6.37 -26.09
CA GLU A 241 1.18 5.09 -26.24
C GLU A 241 0.29 3.95 -25.78
N GLU A 242 0.49 2.78 -26.38
CA GLU A 242 -0.25 1.58 -26.03
C GLU A 242 0.43 0.86 -24.87
N VAL A 243 -0.36 0.42 -23.90
CA VAL A 243 0.13 -0.24 -22.70
C VAL A 243 -0.63 -1.55 -22.49
N GLU A 244 0.07 -2.53 -21.93
CA GLU A 244 -0.49 -3.85 -21.64
C GLU A 244 -0.65 -3.97 -20.13
N ILE A 245 -1.87 -4.28 -19.70
CA ILE A 245 -2.15 -4.55 -18.29
C ILE A 245 -2.03 -6.05 -18.05
N VAL A 246 -1.24 -6.40 -17.03
CA VAL A 246 -0.89 -7.79 -16.74
C VAL A 246 -1.08 -8.02 -15.26
N GLY A 247 -1.72 -9.13 -14.91
CA GLY A 247 -2.03 -9.41 -13.52
C GLY A 247 -2.84 -10.68 -13.33
N ILE A 248 -3.91 -10.60 -12.54
CA ILE A 248 -4.71 -11.77 -12.20
C ILE A 248 -5.44 -12.31 -13.43
N LYS A 249 -6.14 -11.44 -14.15
CA LYS A 249 -6.85 -11.83 -15.36
C LYS A 249 -5.87 -11.95 -16.52
N GLU A 250 -6.39 -12.36 -17.68
CA GLU A 250 -5.55 -12.44 -18.86
C GLU A 250 -5.07 -11.05 -19.26
N THR A 251 -3.84 -10.97 -19.75
CA THR A 251 -3.24 -9.69 -20.12
C THR A 251 -4.07 -9.00 -21.20
N GLN A 252 -4.38 -7.72 -20.97
CA GLN A 252 -5.17 -6.93 -21.91
C GLN A 252 -4.36 -5.76 -22.45
N LYS A 253 -4.85 -5.16 -23.54
CA LYS A 253 -4.23 -4.01 -24.16
C LYS A 253 -5.14 -2.79 -24.06
N SER A 254 -4.52 -1.62 -23.92
CA SER A 254 -5.25 -0.36 -23.93
C SER A 254 -4.29 0.74 -24.37
N THR A 255 -4.78 1.96 -24.45
CA THR A 255 -3.95 3.11 -24.81
C THR A 255 -4.12 4.20 -23.76
N CYS A 256 -3.02 4.86 -23.45
CA CYS A 256 -3.03 5.97 -22.49
C CYS A 256 -3.53 7.23 -23.18
N THR A 257 -4.73 7.68 -22.82
CA THR A 257 -5.33 8.87 -23.39
C THR A 257 -5.11 10.10 -22.52
N GLY A 258 -4.06 10.12 -21.72
CA GLY A 258 -3.71 11.25 -20.89
C GLY A 258 -3.10 10.80 -19.57
N VAL A 259 -2.28 11.70 -18.99
CA VAL A 259 -1.64 11.47 -17.70
C VAL A 259 -1.94 12.66 -16.81
N GLU A 260 -2.43 12.39 -15.60
CA GLU A 260 -2.83 13.43 -14.65
C GLU A 260 -2.00 13.34 -13.38
N MET A 261 -1.55 14.49 -12.90
CA MET A 261 -0.78 14.59 -11.67
C MET A 261 -1.50 15.52 -10.71
N PHE A 262 -1.11 15.44 -9.44
CA PHE A 262 -1.81 16.16 -8.39
C PHE A 262 -1.75 17.67 -8.54
N ARG A 263 -0.74 18.19 -9.23
CA ARG A 263 -0.57 19.63 -9.40
C ARG A 263 -0.90 20.13 -10.79
N LYS A 264 -0.44 19.42 -11.83
CA LYS A 264 -0.73 19.83 -13.20
C LYS A 264 -0.79 18.59 -14.09
N LEU A 265 -1.52 18.73 -15.19
CA LEU A 265 -1.62 17.67 -16.18
C LEU A 265 -0.39 17.70 -17.08
N LEU A 266 0.25 16.55 -17.23
CA LEU A 266 1.47 16.43 -18.01
C LEU A 266 1.29 15.38 -19.10
N ASP A 267 2.15 15.48 -20.13
CA ASP A 267 2.09 14.57 -21.27
C ASP A 267 3.04 13.38 -21.17
N GLU A 268 3.84 13.30 -20.12
CA GLU A 268 4.76 12.19 -19.93
C GLU A 268 4.93 11.91 -18.45
N GLY A 269 4.91 10.62 -18.10
CA GLY A 269 5.09 10.22 -16.72
C GLY A 269 6.42 9.54 -16.48
N ARG A 270 7.30 10.20 -15.72
CA ARG A 270 8.63 9.66 -15.44
C ARG A 270 8.59 8.83 -14.16
N ALA A 271 9.48 7.85 -14.08
CA ALA A 271 9.54 6.96 -12.93
C ALA A 271 9.72 7.74 -11.64
N GLY A 272 9.10 7.23 -10.57
CA GLY A 272 9.14 7.86 -9.27
C GLY A 272 7.99 8.82 -8.99
N GLU A 273 7.25 9.22 -10.01
CA GLU A 273 6.14 10.15 -9.85
C GLU A 273 4.82 9.42 -9.60
N ASN A 274 3.99 10.00 -8.73
CA ASN A 274 2.62 9.53 -8.51
C ASN A 274 1.72 10.23 -9.52
N VAL A 275 1.13 9.46 -10.44
CA VAL A 275 0.38 10.00 -11.56
C VAL A 275 -0.95 9.27 -11.69
N GLY A 276 -1.80 9.79 -12.58
CA GLY A 276 -3.06 9.17 -12.92
C GLY A 276 -3.19 8.95 -14.42
N VAL A 277 -3.41 7.70 -14.83
CA VAL A 277 -3.37 7.29 -16.23
C VAL A 277 -4.79 7.00 -16.69
N LEU A 278 -5.24 7.70 -17.73
CA LEU A 278 -6.53 7.42 -18.36
C LEU A 278 -6.35 6.40 -19.48
N LEU A 279 -7.15 5.36 -19.46
CA LEU A 279 -7.08 4.28 -20.44
C LEU A 279 -8.25 4.37 -21.42
N ARG A 280 -8.17 3.53 -22.45
CA ARG A 280 -9.16 3.50 -23.52
C ARG A 280 -9.82 2.13 -23.57
N GLY A 281 -11.16 2.12 -23.57
CA GLY A 281 -11.93 0.92 -23.82
C GLY A 281 -11.99 -0.06 -22.67
N ILE A 282 -11.06 0.01 -21.72
CA ILE A 282 -11.04 -0.93 -20.61
C ILE A 282 -12.17 -0.62 -19.64
N LYS A 283 -12.64 -1.66 -18.97
CA LYS A 283 -13.77 -1.56 -18.06
C LYS A 283 -13.27 -1.65 -16.62
N ARG A 284 -13.97 -0.95 -15.73
CA ARG A 284 -13.60 -0.94 -14.32
C ARG A 284 -13.63 -2.36 -13.74
N GLU A 285 -14.60 -3.18 -14.15
CA GLU A 285 -14.72 -4.53 -13.62
C GLU A 285 -13.54 -5.42 -14.03
N GLU A 286 -12.90 -5.12 -15.17
CA GLU A 286 -11.81 -5.97 -15.65
C GLU A 286 -10.47 -5.65 -15.02
N ILE A 287 -10.28 -4.44 -14.50
CA ILE A 287 -9.04 -4.04 -13.84
C ILE A 287 -9.15 -4.32 -12.35
N GLU A 288 -8.04 -4.76 -11.76
CA GLU A 288 -7.98 -4.96 -10.31
C GLU A 288 -6.72 -4.31 -9.73
N ARG A 289 -6.44 -4.55 -8.45
CA ARG A 289 -5.34 -3.84 -7.79
C ARG A 289 -3.99 -4.46 -8.09
N GLY A 290 -3.87 -5.78 -7.93
CA GLY A 290 -2.58 -6.45 -8.06
C GLY A 290 -1.94 -6.39 -9.44
N GLN A 291 -2.61 -5.78 -10.40
CA GLN A 291 -2.10 -5.74 -11.76
C GLN A 291 -1.11 -4.60 -11.95
N VAL A 292 -0.42 -4.63 -13.09
CA VAL A 292 0.54 -3.59 -13.47
C VAL A 292 0.36 -3.25 -14.95
N LEU A 293 0.50 -1.97 -15.24
CA LEU A 293 0.65 -1.50 -16.61
C LEU A 293 2.10 -1.65 -17.04
N ALA A 294 2.33 -1.99 -18.30
CA ALA A 294 3.70 -2.15 -18.77
C ALA A 294 3.75 -1.92 -20.27
N LYS A 295 4.97 -1.83 -20.78
CA LYS A 295 5.16 -1.84 -22.22
C LYS A 295 4.76 -3.20 -22.77
N PRO A 296 4.01 -3.25 -23.87
CA PRO A 296 3.50 -4.53 -24.38
C PRO A 296 4.63 -5.53 -24.64
N GLY A 297 4.56 -6.67 -23.96
CA GLY A 297 5.54 -7.72 -24.11
C GLY A 297 6.75 -7.60 -23.22
N THR A 298 6.76 -6.66 -22.28
CA THR A 298 7.92 -6.44 -21.43
C THR A 298 7.80 -7.12 -20.08
N ILE A 299 6.59 -7.51 -19.66
CA ILE A 299 6.38 -8.25 -18.43
C ILE A 299 5.42 -9.39 -18.69
N LYS A 300 5.60 -10.48 -17.96
CA LYS A 300 4.78 -11.67 -18.14
C LYS A 300 4.23 -12.13 -16.79
N PRO A 301 3.03 -12.70 -16.80
CA PRO A 301 2.44 -13.22 -15.56
C PRO A 301 2.86 -14.66 -15.30
N HIS A 302 3.23 -14.93 -14.06
CA HIS A 302 3.65 -16.26 -13.65
C HIS A 302 2.94 -16.65 -12.37
N THR A 303 2.96 -17.95 -12.08
CA THR A 303 2.37 -18.51 -10.89
C THR A 303 3.37 -19.27 -10.04
N LYS A 304 4.43 -19.83 -10.63
CA LYS A 304 5.41 -20.62 -9.91
C LYS A 304 6.80 -20.03 -10.13
N PHE A 305 7.61 -20.03 -9.07
CA PHE A 305 8.93 -19.42 -9.15
C PHE A 305 9.81 -19.91 -8.01
N GLU A 306 11.10 -20.09 -8.30
CA GLU A 306 12.09 -20.41 -7.29
C GLU A 306 12.69 -19.12 -6.75
N SER A 307 12.81 -19.02 -5.42
CA SER A 307 13.25 -17.79 -4.79
C SER A 307 14.09 -18.12 -3.55
N GLU A 308 14.77 -17.08 -3.05
CA GLU A 308 15.55 -17.15 -1.81
C GLU A 308 14.92 -16.21 -0.80
N VAL A 309 14.61 -16.72 0.39
CA VAL A 309 13.85 -15.97 1.38
C VAL A 309 14.58 -15.98 2.72
N TYR A 310 14.30 -14.95 3.53
CA TYR A 310 14.79 -14.82 4.89
C TYR A 310 13.59 -14.66 5.81
N ILE A 311 13.48 -15.55 6.80
CA ILE A 311 12.38 -15.52 7.77
C ILE A 311 12.80 -14.65 8.95
N LEU A 312 11.90 -13.76 9.37
CA LEU A 312 12.21 -12.87 10.48
C LEU A 312 12.30 -13.65 11.78
N SER A 313 13.22 -13.22 12.65
CA SER A 313 13.38 -13.84 13.96
C SER A 313 12.31 -13.31 14.92
N LYS A 314 12.38 -13.76 16.17
CA LYS A 314 11.41 -13.36 17.18
C LYS A 314 11.58 -11.89 17.56
N ASP A 315 12.82 -11.42 17.67
CA ASP A 315 13.07 -10.03 18.02
C ASP A 315 12.88 -9.08 16.85
N GLU A 316 12.86 -9.59 15.62
CA GLU A 316 12.64 -8.78 14.43
C GLU A 316 11.16 -8.70 14.05
N GLY A 317 10.28 -9.30 14.84
CA GLY A 317 8.86 -9.28 14.55
C GLY A 317 8.31 -10.46 13.79
N GLY A 318 9.03 -11.56 13.70
CA GLY A 318 8.56 -12.74 13.02
C GLY A 318 8.01 -13.83 13.92
N ARG A 319 8.01 -15.07 13.40
CA ARG A 319 7.57 -16.18 14.23
C ARG A 319 8.41 -16.45 15.45
N HIS A 320 7.76 -17.03 16.45
CA HIS A 320 8.45 -17.53 17.63
C HIS A 320 8.73 -19.01 17.44
N THR A 321 8.08 -19.64 16.46
CA THR A 321 8.17 -21.07 16.18
C THR A 321 8.40 -21.30 14.70
N PRO A 322 9.03 -22.41 14.34
CA PRO A 322 9.23 -22.72 12.92
C PRO A 322 7.94 -23.14 12.24
N PHE A 323 7.97 -23.11 10.92
CA PHE A 323 6.89 -23.62 10.08
C PHE A 323 7.42 -24.78 9.25
N PHE A 324 6.49 -25.52 8.65
CA PHE A 324 6.84 -26.79 8.01
C PHE A 324 6.35 -26.83 6.56
N LYS A 325 6.43 -28.02 5.95
CA LYS A 325 6.09 -28.19 4.54
C LYS A 325 4.68 -27.72 4.21
N GLY A 326 3.76 -27.84 5.16
CA GLY A 326 2.38 -27.47 4.93
C GLY A 326 2.09 -25.99 5.10
N TYR A 327 3.15 -25.18 5.07
CA TYR A 327 2.99 -23.74 5.28
C TYR A 327 2.40 -23.05 4.05
N ARG A 328 1.44 -22.17 4.30
CA ARG A 328 0.68 -21.49 3.25
C ARG A 328 0.50 -20.02 3.64
N PRO A 329 1.52 -19.19 3.42
CA PRO A 329 1.41 -17.77 3.78
C PRO A 329 0.85 -16.90 2.66
N GLN A 330 0.72 -15.60 2.91
CA GLN A 330 0.43 -14.65 1.86
C GLN A 330 1.73 -14.00 1.42
N PHE A 331 1.85 -13.72 0.13
CA PHE A 331 3.01 -13.03 -0.42
C PHE A 331 2.55 -11.68 -0.92
N TYR A 332 3.08 -10.62 -0.32
CA TYR A 332 2.74 -9.25 -0.67
C TYR A 332 3.71 -8.79 -1.74
N PHE A 333 3.19 -8.61 -2.94
CA PHE A 333 3.92 -8.00 -4.04
C PHE A 333 3.60 -6.50 -4.05
N ARG A 334 3.87 -5.83 -5.17
CA ARG A 334 3.78 -4.38 -5.27
C ARG A 334 2.59 -3.77 -4.53
N THR A 335 1.39 -4.32 -4.73
CA THR A 335 0.20 -3.68 -4.18
C THR A 335 -0.83 -4.64 -3.60
N THR A 336 -0.53 -5.93 -3.46
CA THR A 336 -1.53 -6.85 -2.94
C THR A 336 -0.86 -8.12 -2.45
N ASP A 337 -1.59 -8.85 -1.61
CA ASP A 337 -1.17 -10.16 -1.14
C ASP A 337 -1.82 -11.25 -1.98
N VAL A 338 -1.11 -12.35 -2.14
CA VAL A 338 -1.64 -13.54 -2.78
C VAL A 338 -1.14 -14.76 -2.00
N THR A 339 -2.06 -15.62 -1.59
CA THR A 339 -1.67 -16.79 -0.80
C THR A 339 -0.97 -17.81 -1.69
N GLY A 340 0.11 -18.38 -1.17
CA GLY A 340 0.93 -19.29 -1.96
C GLY A 340 1.36 -20.51 -1.17
N THR A 341 1.64 -21.59 -1.89
CA THR A 341 2.14 -22.84 -1.32
C THR A 341 3.59 -23.08 -1.72
N ILE A 342 4.37 -23.59 -0.78
CA ILE A 342 5.82 -23.63 -0.92
C ILE A 342 6.30 -25.07 -1.01
N GLU A 343 7.46 -25.24 -1.65
CA GLU A 343 8.20 -26.49 -1.70
C GLU A 343 9.61 -26.23 -1.16
N LEU A 344 10.02 -27.02 -0.15
CA LEU A 344 11.30 -26.90 0.51
C LEU A 344 12.36 -27.78 -0.16
N PRO A 345 13.64 -27.47 0.02
CA PRO A 345 14.69 -28.33 -0.51
C PRO A 345 14.63 -29.72 0.14
N GLU A 346 15.20 -30.69 -0.57
CA GLU A 346 15.20 -32.06 -0.07
C GLU A 346 15.99 -32.16 1.24
N GLY A 347 15.39 -32.82 2.22
CA GLY A 347 16.02 -32.97 3.53
C GLY A 347 15.65 -31.89 4.52
N VAL A 348 14.97 -30.83 4.11
CA VAL A 348 14.57 -29.76 5.01
C VAL A 348 13.21 -30.08 5.59
N GLU A 349 13.17 -30.44 6.87
CA GLU A 349 11.91 -30.77 7.53
C GLU A 349 11.24 -29.55 8.14
N MET A 350 12.02 -28.57 8.58
CA MET A 350 11.49 -27.39 9.26
C MET A 350 12.29 -26.16 8.86
N VAL A 351 11.65 -25.00 8.91
CA VAL A 351 12.30 -23.72 8.63
C VAL A 351 12.15 -22.87 9.88
N MET A 352 13.21 -22.79 10.68
CA MET A 352 13.21 -22.01 11.91
C MET A 352 13.05 -20.53 11.62
N PRO A 353 12.81 -19.69 12.63
CA PRO A 353 12.86 -18.24 12.41
C PRO A 353 14.28 -17.73 12.45
N GLY A 354 14.66 -16.94 11.44
CA GLY A 354 15.92 -16.24 11.41
C GLY A 354 16.93 -16.76 10.42
N ASP A 355 16.73 -17.93 9.82
CA ASP A 355 17.68 -18.45 8.84
C ASP A 355 17.09 -18.32 7.44
N ASN A 356 17.96 -18.05 6.47
CA ASN A 356 17.58 -17.94 5.07
C ASN A 356 17.54 -19.31 4.43
N ILE A 357 16.73 -19.43 3.37
CA ILE A 357 16.55 -20.71 2.70
C ILE A 357 16.00 -20.46 1.31
N LYS A 358 16.25 -21.40 0.41
CA LYS A 358 15.63 -21.42 -0.91
C LYS A 358 14.29 -22.13 -0.84
N MET A 359 13.35 -21.69 -1.67
CA MET A 359 12.03 -22.35 -1.71
C MET A 359 11.38 -22.06 -3.06
N VAL A 360 10.54 -23.01 -3.50
CA VAL A 360 9.81 -22.87 -4.75
C VAL A 360 8.36 -22.57 -4.40
N VAL A 361 7.92 -21.35 -4.68
CA VAL A 361 6.58 -20.89 -4.31
C VAL A 361 5.70 -20.92 -5.55
N THR A 362 4.52 -21.49 -5.41
CA THR A 362 3.50 -21.45 -6.44
C THR A 362 2.27 -20.74 -5.88
N LEU A 363 1.78 -19.75 -6.62
CA LEU A 363 0.71 -18.88 -6.14
C LEU A 363 -0.64 -19.30 -6.69
N ILE A 364 -1.70 -18.76 -6.08
CA ILE A 364 -3.06 -19.15 -6.44
C ILE A 364 -3.57 -18.35 -7.65
N HIS A 365 -3.07 -17.14 -7.86
CA HIS A 365 -3.39 -16.38 -9.05
C HIS A 365 -2.10 -15.92 -9.71
N PRO A 366 -2.10 -15.78 -11.04
CA PRO A 366 -0.89 -15.27 -11.72
C PRO A 366 -0.61 -13.83 -11.32
N ILE A 367 0.66 -13.47 -11.39
CA ILE A 367 1.10 -12.10 -11.09
C ILE A 367 2.23 -11.76 -12.05
N ALA A 368 2.21 -10.53 -12.55
CA ALA A 368 3.27 -10.10 -13.47
C ALA A 368 4.58 -10.02 -12.73
N MET A 369 5.58 -10.77 -13.19
CA MET A 369 6.84 -10.84 -12.48
C MET A 369 7.98 -11.09 -13.46
N ASP A 370 9.15 -10.57 -13.10
CA ASP A 370 10.41 -10.84 -13.77
C ASP A 370 11.45 -11.24 -12.71
N ASP A 371 12.59 -11.71 -13.18
CA ASP A 371 13.66 -12.10 -12.26
C ASP A 371 14.19 -10.90 -11.49
N GLY A 372 14.36 -11.07 -10.18
CA GLY A 372 14.84 -10.01 -9.32
C GLY A 372 13.78 -9.26 -8.56
N LEU A 373 12.51 -9.46 -8.89
CA LEU A 373 11.43 -8.81 -8.16
C LEU A 373 11.39 -9.25 -6.72
N ARG A 374 11.35 -8.28 -5.80
CA ARG A 374 11.28 -8.62 -4.40
C ARG A 374 9.83 -8.63 -3.89
N PHE A 375 9.63 -9.32 -2.78
CA PHE A 375 8.30 -9.47 -2.19
C PHE A 375 8.42 -9.67 -0.70
N ALA A 376 7.33 -9.39 0.01
CA ALA A 376 7.22 -9.66 1.43
C ALA A 376 6.38 -10.91 1.67
N ILE A 377 6.58 -11.52 2.82
CA ILE A 377 5.86 -12.72 3.23
C ILE A 377 5.13 -12.36 4.51
N ARG A 378 3.81 -12.32 4.45
CA ARG A 378 2.97 -11.95 5.57
C ARG A 378 2.03 -13.08 5.92
N GLU A 379 1.46 -12.97 7.12
CA GLU A 379 0.47 -13.93 7.61
C GLU A 379 -0.43 -13.14 8.55
N GLY A 380 -1.58 -12.71 8.04
CA GLY A 380 -2.48 -11.91 8.83
C GLY A 380 -2.17 -10.43 8.84
N GLY A 381 -1.47 -9.93 7.82
CA GLY A 381 -1.18 -8.52 7.73
C GLY A 381 0.12 -8.08 8.37
N ARG A 382 0.84 -8.99 9.03
CA ARG A 382 2.11 -8.67 9.67
C ARG A 382 3.23 -9.26 8.83
N THR A 383 4.25 -8.45 8.57
CA THR A 383 5.38 -8.89 7.77
C THR A 383 6.22 -9.89 8.55
N VAL A 384 6.34 -11.10 8.03
CA VAL A 384 7.07 -12.17 8.71
C VAL A 384 8.31 -12.62 7.96
N GLY A 385 8.46 -12.25 6.68
CA GLY A 385 9.66 -12.60 5.95
C GLY A 385 9.83 -11.72 4.73
N ALA A 386 10.99 -11.85 4.09
CA ALA A 386 11.27 -11.13 2.85
C ALA A 386 11.94 -12.06 1.87
N GLY A 387 11.67 -11.85 0.58
CA GLY A 387 12.27 -12.68 -0.45
C GLY A 387 12.45 -11.93 -1.75
N VAL A 388 13.17 -12.59 -2.66
CA VAL A 388 13.38 -12.08 -4.01
C VAL A 388 13.30 -13.26 -4.98
N VAL A 389 12.51 -13.11 -6.03
CA VAL A 389 12.35 -14.18 -7.02
C VAL A 389 13.67 -14.38 -7.76
N ALA A 390 14.13 -15.64 -7.80
CA ALA A 390 15.36 -15.98 -8.48
C ALA A 390 15.15 -16.52 -9.89
N LYS A 391 14.11 -17.33 -10.10
CA LYS A 391 13.86 -17.93 -11.41
C LYS A 391 12.38 -18.14 -11.60
N VAL A 392 11.79 -17.46 -12.60
CA VAL A 392 10.39 -17.68 -12.92
C VAL A 392 10.25 -19.02 -13.62
N LEU A 393 9.12 -19.67 -13.37
CA LEU A 393 8.81 -21.00 -13.89
C LEU A 393 7.51 -20.92 -14.69
N SER A 394 6.99 -22.09 -15.07
CA SER A 394 5.75 -22.20 -15.84
C SER A 394 4.60 -21.45 -15.16
N THR B 196 -2.77 27.34 -12.94
CA THR B 196 -4.13 26.82 -12.89
C THR B 196 -4.15 25.30 -12.91
N GLY B 197 -4.73 24.71 -11.87
CA GLY B 197 -4.80 23.27 -11.75
C GLY B 197 -5.81 22.69 -12.74
N THR B 198 -6.02 21.38 -12.58
CA THR B 198 -6.95 20.66 -13.46
C THR B 198 -8.35 20.57 -12.86
N VAL B 199 -8.46 20.16 -11.61
CA VAL B 199 -9.73 19.96 -10.95
C VAL B 199 -9.88 20.86 -9.72
N PHE B 200 -8.82 20.98 -8.92
CA PHE B 200 -8.87 21.76 -7.68
C PHE B 200 -9.17 23.23 -7.91
N ASP B 201 -9.14 23.70 -9.16
CA ASP B 201 -9.54 25.06 -9.46
C ASP B 201 -11.04 25.27 -9.33
N SER B 202 -11.83 24.20 -9.31
CA SER B 202 -13.28 24.28 -9.15
C SER B 202 -13.72 24.02 -7.71
N ILE B 203 -12.79 23.82 -6.78
CA ILE B 203 -13.10 23.49 -5.40
C ILE B 203 -12.58 24.61 -4.49
N LYS B 204 -13.46 25.11 -3.62
CA LYS B 204 -13.06 26.03 -2.55
C LYS B 204 -13.16 25.29 -1.23
N ALA B 205 -12.01 25.06 -0.59
CA ALA B 205 -11.98 24.28 0.65
C ALA B 205 -12.51 25.09 1.83
N THR B 206 -13.30 24.43 2.67
CA THR B 206 -13.89 25.04 3.85
C THR B 206 -13.43 24.42 5.17
N GLN B 207 -12.90 23.20 5.13
CA GLN B 207 -12.42 22.49 6.31
C GLN B 207 -11.14 21.76 5.95
N PRO B 208 -10.32 21.41 6.95
CA PRO B 208 -9.11 20.63 6.68
C PRO B 208 -9.43 19.28 6.07
N ALA B 209 -8.37 18.60 5.61
CA ALA B 209 -8.51 17.34 4.91
C ALA B 209 -8.91 16.21 5.86
N ILE B 210 -9.67 15.26 5.33
CA ILE B 210 -10.03 14.05 6.07
C ILE B 210 -8.76 13.28 6.43
N PRO B 211 -8.65 12.70 7.63
CA PRO B 211 -7.40 12.03 8.04
C PRO B 211 -6.97 10.94 7.06
N GLY B 212 -5.82 11.16 6.43
CA GLY B 212 -5.26 10.20 5.50
C GLY B 212 -5.58 10.45 4.05
N THR B 213 -6.18 11.58 3.70
CA THR B 213 -6.53 11.91 2.32
C THR B 213 -6.17 13.37 2.07
N SER B 214 -6.50 13.84 0.87
CA SER B 214 -6.28 15.23 0.49
C SER B 214 -7.59 15.93 0.13
N ILE B 215 -8.73 15.31 0.39
CA ILE B 215 -10.03 15.93 0.15
C ILE B 215 -10.51 16.58 1.42
N PRO B 216 -10.97 17.83 1.37
CA PRO B 216 -11.44 18.50 2.59
C PRO B 216 -12.77 17.91 3.07
N LYS B 217 -13.07 18.17 4.35
CA LYS B 217 -14.32 17.69 4.94
C LYS B 217 -15.53 18.29 4.25
N SER B 218 -15.43 19.53 3.76
CA SER B 218 -16.53 20.17 3.05
C SER B 218 -15.94 21.25 2.16
N PHE B 219 -16.60 21.48 1.02
CA PHE B 219 -16.07 22.42 0.05
C PHE B 219 -17.18 22.90 -0.87
N GLU B 220 -16.96 24.09 -1.43
CA GLU B 220 -17.84 24.65 -2.46
C GLU B 220 -17.29 24.20 -3.82
N LEU B 221 -18.00 23.29 -4.46
CA LEU B 221 -17.63 22.80 -5.78
C LEU B 221 -18.32 23.64 -6.83
N HIS B 222 -17.53 24.21 -7.75
CA HIS B 222 -18.03 25.09 -8.80
C HIS B 222 -17.99 24.30 -10.11
N VAL B 223 -19.13 23.76 -10.50
CA VAL B 223 -19.25 22.96 -11.71
C VAL B 223 -20.10 23.73 -12.71
N ASN B 224 -19.49 24.11 -13.83
CA ASN B 224 -20.18 24.82 -14.92
C ASN B 224 -20.87 26.08 -14.42
N GLY B 225 -20.33 26.68 -13.35
CA GLY B 225 -20.89 27.89 -12.76
C GLY B 225 -21.79 27.67 -11.57
N GLN B 226 -22.40 26.50 -11.46
CA GLN B 226 -23.21 26.19 -10.30
C GLN B 226 -22.32 25.90 -9.09
N THR B 227 -22.63 26.53 -7.96
CA THR B 227 -21.87 26.36 -6.73
C THR B 227 -22.66 25.44 -5.81
N VAL B 228 -22.16 24.22 -5.61
CA VAL B 228 -22.77 23.23 -4.74
C VAL B 228 -21.86 23.03 -3.55
N TRP B 229 -22.39 23.26 -2.35
CA TRP B 229 -21.62 23.00 -1.14
C TRP B 229 -21.80 21.55 -0.74
N VAL B 230 -20.70 20.87 -0.44
CA VAL B 230 -20.72 19.45 -0.14
C VAL B 230 -20.81 19.25 1.37
N ASN B 231 -21.86 18.57 1.81
CA ASN B 231 -21.97 18.24 3.23
C ASN B 231 -20.90 17.23 3.63
N PRO B 232 -20.44 17.29 4.88
CA PRO B 232 -19.37 16.38 5.32
C PRO B 232 -19.68 14.89 5.16
N ASN B 233 -20.94 14.48 4.91
CA ASN B 233 -21.22 13.05 4.78
C ASN B 233 -20.71 12.49 3.46
N ALA B 234 -20.88 13.24 2.37
CA ALA B 234 -20.32 12.84 1.10
C ALA B 234 -18.81 12.62 1.22
N THR B 235 -18.12 13.58 1.84
CA THR B 235 -16.67 13.46 2.02
C THR B 235 -16.31 12.33 2.98
N LYS B 236 -17.15 12.07 3.99
CA LYS B 236 -16.92 10.91 4.85
C LYS B 236 -16.88 9.63 4.03
N HIS B 237 -17.86 9.44 3.15
CA HIS B 237 -17.92 8.22 2.36
C HIS B 237 -16.78 8.14 1.34
N MET B 238 -16.40 9.28 0.75
CA MET B 238 -15.28 9.26 -0.20
C MET B 238 -13.96 8.88 0.50
N GLY B 239 -13.71 9.46 1.67
CA GLY B 239 -12.54 9.07 2.43
C GLY B 239 -12.58 7.62 2.85
N GLU B 240 -13.77 7.12 3.20
CA GLU B 240 -13.94 5.71 3.48
C GLU B 240 -13.51 4.85 2.30
N TYR B 241 -13.92 5.24 1.09
CA TYR B 241 -13.50 4.52 -0.11
C TYR B 241 -11.98 4.54 -0.25
N LEU B 242 -11.39 5.72 -0.14
CA LEU B 242 -9.97 5.85 -0.42
C LEU B 242 -9.10 5.17 0.64
N THR B 243 -9.58 5.07 1.88
CA THR B 243 -8.83 4.43 2.96
C THR B 243 -9.07 2.92 3.05
N ARG B 244 -10.24 2.43 2.66
CA ARG B 244 -10.54 1.02 2.88
C ARG B 244 -9.59 0.12 2.10
N ASN B 245 -9.22 0.52 0.89
CA ASN B 245 -8.29 -0.28 0.11
C ASN B 245 -6.97 -0.51 0.82
N GLY B 246 -6.71 0.22 1.90
CA GLY B 246 -5.44 0.27 2.59
C GLY B 246 -4.71 1.56 2.28
N LEU B 247 -3.86 1.97 3.22
CA LEU B 247 -3.03 3.15 2.99
C LEU B 247 -2.12 2.87 1.79
N SER B 248 -2.24 3.71 0.77
CA SER B 248 -1.50 3.51 -0.47
C SER B 248 -0.34 4.47 -0.64
N HIS B 249 -0.27 5.52 0.17
CA HIS B 249 0.79 6.54 0.19
C HIS B 249 0.79 7.39 -1.08
N SER B 250 -0.07 7.10 -2.05
CA SER B 250 -0.25 7.95 -3.21
C SER B 250 -1.70 8.40 -3.26
N THR B 251 -2.22 8.83 -2.11
CA THR B 251 -3.64 9.14 -1.98
C THR B 251 -4.03 10.44 -2.65
N ALA B 252 -3.06 11.31 -2.97
CA ALA B 252 -3.39 12.62 -3.53
C ALA B 252 -4.00 12.51 -4.92
N GLU B 253 -3.35 11.74 -5.80
CA GLU B 253 -3.87 11.59 -7.16
C GLU B 253 -5.18 10.82 -7.16
N GLY B 254 -5.30 9.82 -6.28
CA GLY B 254 -6.56 9.12 -6.15
C GLY B 254 -7.68 10.04 -5.68
N SER B 255 -7.38 10.94 -4.75
CA SER B 255 -8.38 11.90 -4.30
C SER B 255 -8.76 12.87 -5.41
N GLN B 256 -7.78 13.29 -6.21
CA GLN B 256 -8.08 14.17 -7.33
C GLN B 256 -8.98 13.47 -8.34
N ALA B 257 -8.69 12.20 -8.66
CA ALA B 257 -9.53 11.45 -9.58
C ALA B 257 -10.92 11.21 -9.00
N MET B 258 -11.02 11.00 -7.68
CA MET B 258 -12.32 10.82 -7.06
C MET B 258 -13.15 12.10 -7.15
N LEU B 259 -12.53 13.25 -6.88
CA LEU B 259 -13.22 14.52 -7.03
C LEU B 259 -13.62 14.77 -8.48
N THR B 260 -12.77 14.38 -9.42
CA THR B 260 -13.10 14.52 -10.83
C THR B 260 -14.33 13.68 -11.20
N SER B 261 -14.37 12.43 -10.71
CA SER B 261 -15.53 11.57 -10.95
C SER B 261 -16.79 12.17 -10.33
N LEU B 262 -16.66 12.74 -9.12
CA LEU B 262 -17.80 13.36 -8.47
C LEU B 262 -18.31 14.55 -9.28
N GLN B 263 -17.40 15.34 -9.85
CA GLN B 263 -17.81 16.48 -10.66
C GLN B 263 -18.49 16.04 -11.96
N SER B 264 -17.91 15.04 -12.63
CA SER B 264 -18.54 14.53 -13.85
C SER B 264 -19.87 13.85 -13.55
N ALA B 265 -20.09 13.41 -12.31
CA ALA B 265 -21.40 12.88 -11.95
C ALA B 265 -22.40 13.99 -11.61
N VAL B 266 -21.94 15.05 -10.94
CA VAL B 266 -22.86 16.12 -10.58
C VAL B 266 -23.26 16.94 -11.81
N LYS B 267 -22.37 17.03 -12.81
CA LYS B 267 -22.75 17.69 -14.04
C LYS B 267 -23.80 16.88 -14.79
N ASP B 268 -23.73 15.54 -14.70
CA ASP B 268 -24.76 14.71 -15.31
C ASP B 268 -26.05 14.73 -14.49
N ALA B 269 -25.93 14.99 -13.18
CA ALA B 269 -27.12 15.21 -12.37
C ALA B 269 -27.83 16.51 -12.76
N PHE B 270 -27.04 17.57 -13.00
CA PHE B 270 -27.61 18.80 -13.53
C PHE B 270 -28.15 18.61 -14.95
N SER B 271 -27.59 17.66 -15.70
CA SER B 271 -28.08 17.40 -17.05
C SER B 271 -29.53 16.93 -17.04
N GLN B 272 -29.91 16.09 -16.08
CA GLN B 272 -31.28 15.59 -15.98
C GLN B 272 -32.16 16.41 -15.05
N GLY B 273 -31.61 17.42 -14.38
CA GLY B 273 -32.35 18.16 -13.39
C GLY B 273 -32.24 17.56 -12.00
N LEU B 274 -32.14 18.40 -10.98
CA LEU B 274 -31.89 17.95 -9.62
C LEU B 274 -33.20 17.53 -8.95
N LYS B 275 -33.27 16.28 -8.52
CA LYS B 275 -34.37 15.78 -7.70
C LYS B 275 -33.99 15.97 -6.23
N PHE B 276 -34.62 16.94 -5.57
CA PHE B 276 -34.24 17.28 -4.21
C PHE B 276 -34.72 16.22 -3.22
N ASN B 277 -33.84 15.86 -2.28
CA ASN B 277 -34.14 14.88 -1.24
C ASN B 277 -34.54 13.52 -1.81
N GLU B 278 -34.04 13.21 -3.01
CA GLU B 278 -34.29 11.93 -3.66
C GLU B 278 -32.97 11.36 -4.19
N LYS B 279 -32.86 10.04 -4.16
CA LYS B 279 -31.67 9.38 -4.67
C LYS B 279 -31.55 9.56 -6.18
N MET B 280 -30.31 9.68 -6.64
CA MET B 280 -30.03 9.95 -8.04
C MET B 280 -29.75 8.68 -8.82
N GLN B 281 -29.83 8.79 -10.15
CA GLN B 281 -29.74 7.65 -11.05
C GLN B 281 -28.42 7.64 -11.84
N VAL B 282 -27.50 8.55 -11.53
CA VAL B 282 -26.21 8.57 -12.22
C VAL B 282 -25.50 7.24 -12.01
N GLY B 283 -24.94 6.70 -13.10
CA GLY B 283 -24.38 5.37 -13.04
C GLY B 283 -23.21 5.27 -12.08
N ARG B 284 -23.21 4.21 -11.28
CA ARG B 284 -22.19 3.88 -10.28
C ARG B 284 -22.15 4.87 -9.13
N TRP B 285 -23.03 5.87 -9.10
CA TRP B 285 -23.09 6.86 -8.05
C TRP B 285 -24.54 7.03 -7.59
N GLU B 286 -24.72 7.79 -6.53
CA GLU B 286 -26.04 8.15 -6.03
C GLU B 286 -25.88 9.36 -5.12
N LEU B 287 -26.64 10.41 -5.41
CA LEU B 287 -26.50 11.67 -4.71
C LEU B 287 -27.88 12.21 -4.35
N VAL B 288 -27.96 12.90 -3.21
CA VAL B 288 -29.17 13.61 -2.80
C VAL B 288 -28.80 15.06 -2.48
N PHE B 289 -29.71 15.98 -2.80
CA PHE B 289 -29.51 17.42 -2.64
C PHE B 289 -30.53 18.01 -1.68
N SER B 290 -30.31 19.27 -1.32
CA SER B 290 -31.25 20.02 -0.49
C SER B 290 -30.97 21.51 -0.69
N GLN B 291 -31.90 22.34 -0.19
CA GLN B 291 -31.73 23.79 -0.29
C GLN B 291 -32.57 24.45 0.80
N ARG B 292 -31.90 24.98 1.82
CA ARG B 292 -32.57 25.77 2.83
C ARG B 292 -32.65 27.23 2.39
N SER B 293 -33.55 27.98 3.03
CA SER B 293 -33.78 29.37 2.62
C SER B 293 -32.54 30.22 2.80
N SER B 294 -31.73 29.95 3.82
CA SER B 294 -30.53 30.73 4.06
C SER B 294 -29.45 30.47 3.01
N ASP B 295 -29.53 29.34 2.31
CA ASP B 295 -28.51 28.99 1.34
C ASP B 295 -29.01 29.25 -0.08
N PRO B 296 -28.48 30.25 -0.79
CA PRO B 296 -28.83 30.42 -2.21
C PRO B 296 -28.20 29.37 -3.11
N TYR B 297 -27.23 28.61 -2.60
CA TYR B 297 -26.57 27.53 -3.31
C TYR B 297 -27.07 26.19 -2.80
N PRO B 298 -27.37 25.24 -3.69
CA PRO B 298 -27.81 23.92 -3.23
C PRO B 298 -26.70 23.20 -2.50
N VAL B 299 -27.11 22.23 -1.66
CA VAL B 299 -26.19 21.46 -0.85
C VAL B 299 -26.32 19.99 -1.24
N LEU B 300 -25.20 19.28 -1.23
CA LEU B 300 -25.13 17.85 -1.55
C LEU B 300 -24.87 17.09 -0.25
N LYS B 301 -25.76 16.15 0.09
CA LYS B 301 -25.69 15.47 1.37
C LYS B 301 -25.22 14.02 1.29
N HIS B 302 -25.03 13.46 0.10
CA HIS B 302 -24.81 12.03 -0.04
C HIS B 302 -23.96 11.75 -1.26
N ALA B 303 -22.90 10.96 -1.07
CA ALA B 303 -22.07 10.50 -2.18
C ALA B 303 -21.67 9.06 -1.93
N LEU B 304 -22.06 8.17 -2.85
CA LEU B 304 -21.73 6.76 -2.76
C LEU B 304 -21.13 6.32 -4.09
N TYR B 305 -19.97 5.71 -4.03
CA TYR B 305 -19.29 5.13 -5.18
C TYR B 305 -19.27 3.62 -4.99
N LYS B 306 -20.16 2.93 -5.69
CA LYS B 306 -20.28 1.48 -5.59
C LYS B 306 -19.01 0.80 -6.10
N LEU C 3 -30.00 -9.19 9.41
CA LEU C 3 -29.08 -8.61 10.39
C LEU C 3 -28.99 -9.52 11.62
N THR C 4 -28.03 -9.23 12.49
CA THR C 4 -27.86 -9.99 13.73
C THR C 4 -27.16 -9.11 14.75
N VAL C 5 -27.79 -8.92 15.90
CA VAL C 5 -27.17 -8.21 17.02
C VAL C 5 -27.05 -9.20 18.17
N ASP C 6 -25.89 -9.20 18.82
CA ASP C 6 -25.57 -10.32 19.70
C ASP C 6 -24.97 -9.95 21.05
N SER C 7 -24.64 -8.68 21.33
CA SER C 7 -24.01 -8.35 22.60
C SER C 7 -24.10 -6.86 22.87
N VAL C 8 -23.71 -6.50 24.10
CA VAL C 8 -23.60 -5.12 24.56
C VAL C 8 -22.28 -5.00 25.32
N ILE C 9 -21.78 -3.76 25.47
CA ILE C 9 -20.58 -3.47 26.23
C ILE C 9 -20.92 -2.39 27.26
N ASN C 10 -19.89 -1.94 27.98
CA ASN C 10 -20.06 -0.93 29.04
C ASN C 10 -18.91 0.07 29.01
N GLU C 11 -18.50 0.46 27.82
CA GLU C 11 -17.40 1.42 27.71
C GLU C 11 -17.90 2.85 27.87
N PRO C 12 -17.51 3.55 28.93
CA PRO C 12 -17.97 4.93 29.14
C PRO C 12 -17.18 5.90 28.29
N ARG C 13 -17.85 6.47 27.28
CA ARG C 13 -17.25 7.49 26.43
C ARG C 13 -18.35 8.37 25.88
N SER C 14 -18.03 9.66 25.72
CA SER C 14 -19.04 10.64 25.36
C SER C 14 -19.52 10.41 23.93
N VAL C 15 -20.84 10.36 23.76
CA VAL C 15 -21.46 10.31 22.44
C VAL C 15 -22.01 11.69 22.12
N ALA C 16 -21.53 12.27 21.02
CA ALA C 16 -21.97 13.58 20.58
C ALA C 16 -23.07 13.43 19.54
N ILE C 17 -24.09 14.29 19.64
CA ILE C 17 -25.25 14.26 18.75
C ILE C 17 -25.49 15.68 18.27
N THR C 18 -25.15 15.94 17.00
CA THR C 18 -25.49 17.20 16.37
C THR C 18 -26.66 17.04 15.41
N ILE C 19 -27.34 18.15 15.14
CA ILE C 19 -28.48 18.17 14.24
C ILE C 19 -28.34 19.37 13.31
N ASP C 20 -27.95 19.12 12.07
CA ASP C 20 -27.80 20.19 11.08
C ASP C 20 -29.13 20.47 10.40
N GLY C 21 -29.23 21.67 9.83
CA GLY C 21 -30.36 22.00 8.99
C GLY C 21 -30.40 21.26 7.67
N TYR C 22 -29.31 20.57 7.31
CA TYR C 22 -29.23 19.81 6.06
C TYR C 22 -29.43 18.32 6.32
N ILE C 23 -28.58 17.73 7.15
CA ILE C 23 -28.71 16.31 7.49
C ILE C 23 -29.58 16.22 8.74
N PRO C 24 -30.66 15.44 8.70
CA PRO C 24 -31.63 15.46 9.80
C PRO C 24 -31.04 15.07 11.14
N VAL C 25 -30.49 13.85 11.25
CA VAL C 25 -29.95 13.35 12.51
C VAL C 25 -28.61 12.69 12.27
N ASP C 26 -27.79 12.66 13.33
CA ASP C 26 -26.49 12.00 13.27
C ASP C 26 -25.94 11.80 14.67
N ILE C 27 -25.51 10.58 14.99
CA ILE C 27 -24.97 10.25 16.30
C ILE C 27 -23.58 9.64 16.13
N LYS C 28 -22.61 10.13 16.88
CA LYS C 28 -21.23 9.70 16.80
C LYS C 28 -20.79 9.23 18.18
N ILE C 29 -20.85 7.92 18.40
CA ILE C 29 -20.50 7.36 19.71
C ILE C 29 -19.00 7.36 19.91
N ILE C 30 -18.23 7.09 18.86
CA ILE C 30 -16.77 7.07 18.94
C ILE C 30 -16.18 7.66 17.66
N ASP C 31 -14.96 8.16 17.77
CA ASP C 31 -14.22 8.70 16.63
C ASP C 31 -13.34 7.58 16.06
N SER C 32 -13.85 6.91 15.03
CA SER C 32 -13.19 5.73 14.49
C SER C 32 -12.23 6.14 13.38
N LYS C 33 -10.94 5.91 13.60
CA LYS C 33 -9.92 6.12 12.58
C LYS C 33 -8.99 4.94 12.41
N LYS C 34 -9.12 3.89 13.23
CA LYS C 34 -8.26 2.72 13.10
C LYS C 34 -8.55 1.97 11.81
N LEU C 35 -9.83 1.86 11.44
CA LEU C 35 -10.28 1.25 10.20
C LEU C 35 -11.70 1.70 9.93
N PRO C 36 -12.00 2.21 8.74
CA PRO C 36 -13.36 2.71 8.44
C PRO C 36 -14.40 1.62 8.68
N PRO C 37 -15.65 1.99 8.93
CA PRO C 37 -16.69 1.00 9.21
C PRO C 37 -17.36 0.50 7.93
N LEU C 38 -18.16 -0.54 8.08
CA LEU C 38 -19.01 -1.07 7.02
C LEU C 38 -20.47 -0.90 7.42
N TYR C 39 -21.34 -0.79 6.42
CA TYR C 39 -22.67 -0.23 6.61
C TYR C 39 -23.77 -1.22 6.29
N TRP C 40 -24.91 -1.00 6.95
CA TRP C 40 -26.18 -1.61 6.61
C TRP C 40 -27.16 -0.48 6.34
N ARG C 41 -27.77 -0.46 5.15
CA ARG C 41 -28.64 0.63 4.73
C ARG C 41 -30.06 0.12 4.66
N GLY C 42 -30.95 0.75 5.43
CA GLY C 42 -32.34 0.36 5.45
C GLY C 42 -33.28 1.43 4.97
N GLY C 43 -34.51 1.03 4.66
CA GLY C 43 -35.53 1.92 4.18
C GLY C 43 -35.85 1.70 2.72
N ASP C 44 -36.50 2.71 2.14
CA ASP C 44 -36.72 2.75 0.70
C ASP C 44 -35.56 3.51 0.07
N GLY C 45 -34.87 2.86 -0.86
CA GLY C 45 -33.63 3.41 -1.40
C GLY C 45 -33.76 4.78 -2.04
N LYS C 46 -34.97 5.16 -2.46
CA LYS C 46 -35.14 6.40 -3.22
C LYS C 46 -35.51 7.58 -2.33
N LYS C 47 -36.32 7.37 -1.30
CA LYS C 47 -36.88 8.46 -0.52
C LYS C 47 -36.59 8.38 0.98
N ASN C 48 -36.25 7.21 1.50
CA ASN C 48 -36.11 7.03 2.95
C ASN C 48 -34.89 6.14 3.19
N LEU C 49 -33.74 6.75 3.42
CA LEU C 49 -32.49 6.00 3.57
C LEU C 49 -31.92 6.22 4.97
N LEU C 50 -31.59 5.11 5.64
CA LEU C 50 -31.00 5.15 6.98
C LEU C 50 -29.81 4.21 7.02
N GLU C 51 -28.61 4.77 7.16
CA GLU C 51 -27.38 4.00 7.20
C GLU C 51 -26.97 3.73 8.64
N LEU C 52 -26.42 2.54 8.88
CA LEU C 52 -25.89 2.13 10.17
C LEU C 52 -24.46 1.64 9.96
N ALA C 53 -23.51 2.17 10.72
CA ALA C 53 -22.10 1.84 10.58
C ALA C 53 -21.65 0.95 11.73
N VAL C 54 -20.79 -0.02 11.42
CA VAL C 54 -20.24 -0.92 12.41
C VAL C 54 -18.82 -1.27 12.00
N LEU C 55 -17.92 -1.30 12.98
CA LEU C 55 -16.50 -1.55 12.72
C LEU C 55 -16.31 -2.93 12.09
N PRO C 56 -15.23 -3.13 11.33
CA PRO C 56 -14.95 -4.45 10.79
C PRO C 56 -14.20 -5.32 11.76
N GLU C 57 -13.43 -4.68 12.65
CA GLU C 57 -12.63 -5.43 13.62
C GLU C 57 -13.50 -6.13 14.65
N ASN C 58 -14.61 -5.51 15.03
CA ASN C 58 -15.51 -6.09 16.01
C ASN C 58 -16.93 -5.62 15.67
N GLY C 59 -17.85 -5.73 16.62
CA GLY C 59 -19.22 -5.32 16.40
C GLY C 59 -19.58 -3.91 16.81
N PHE C 60 -18.63 -3.14 17.35
CA PHE C 60 -18.95 -1.79 17.82
C PHE C 60 -19.46 -0.91 16.69
N LEU C 61 -20.41 -0.04 16.99
CA LEU C 61 -20.94 0.88 16.01
C LEU C 61 -20.09 2.15 15.96
N SER C 62 -20.18 2.85 14.82
CA SER C 62 -19.55 4.14 14.65
C SER C 62 -20.58 5.27 14.59
N SER C 63 -21.58 5.16 13.72
CA SER C 63 -22.63 6.15 13.62
C SER C 63 -23.80 5.55 12.84
N ILE C 64 -25.00 5.76 13.33
CA ILE C 64 -26.20 5.42 12.57
C ILE C 64 -26.99 6.70 12.36
N THR C 65 -27.22 7.04 11.10
CA THR C 65 -27.86 8.29 10.71
C THR C 65 -28.77 8.02 9.53
N LEU C 66 -29.94 8.65 9.51
CA LEU C 66 -30.78 8.64 8.33
C LEU C 66 -30.51 9.90 7.51
N VAL C 67 -30.32 9.72 6.21
CA VAL C 67 -29.93 10.85 5.36
C VAL C 67 -31.15 11.58 4.79
N MET C 68 -32.23 10.86 4.53
CA MET C 68 -33.44 11.49 3.99
C MET C 68 -34.65 10.72 4.45
N ILE C 69 -35.72 11.45 4.74
CA ILE C 69 -37.00 10.87 5.15
C ILE C 69 -38.12 11.68 4.53
N ALA C 70 -39.20 11.00 4.19
CA ALA C 70 -40.34 11.63 3.55
C ALA C 70 -41.31 12.16 4.60
N SER C 71 -41.90 13.32 4.30
CA SER C 71 -42.89 13.89 5.22
C SER C 71 -44.14 13.03 5.32
N ASP C 72 -44.39 12.18 4.33
CA ASP C 72 -45.53 11.27 4.38
C ASP C 72 -45.23 10.01 5.17
N SER C 73 -44.00 9.53 5.13
CA SER C 73 -43.60 8.33 5.87
C SER C 73 -43.35 8.60 7.35
N ILE C 74 -43.65 9.81 7.83
CA ILE C 74 -43.58 10.12 9.25
C ILE C 74 -44.99 10.41 9.75
N HIS C 75 -45.14 10.41 11.07
CA HIS C 75 -46.44 10.60 11.71
C HIS C 75 -46.25 11.28 13.05
N LYS C 76 -46.57 12.56 13.13
CA LYS C 76 -46.52 13.28 14.40
C LYS C 76 -47.74 12.97 15.25
N THR C 77 -47.52 12.77 16.54
CA THR C 77 -48.61 12.47 17.47
C THR C 77 -48.54 13.40 18.68
N ASP C 78 -49.57 13.31 19.51
CA ASP C 78 -49.69 14.22 20.65
C ASP C 78 -48.60 13.99 21.68
N SER C 79 -48.41 12.75 22.10
CA SER C 79 -47.42 12.47 23.14
C SER C 79 -46.90 11.05 22.99
N LEU C 80 -45.85 10.77 23.75
CA LEU C 80 -45.16 9.48 23.77
C LEU C 80 -46.02 8.37 24.39
N SER C 81 -45.70 7.15 23.98
CA SER C 81 -45.97 5.94 24.74
C SER C 81 -44.60 5.50 25.27
N VAL C 82 -44.21 6.10 26.39
CA VAL C 82 -42.80 6.10 26.80
C VAL C 82 -42.47 4.88 27.66
N SER C 83 -43.39 3.91 27.69
CA SER C 83 -43.18 2.67 28.43
C SER C 83 -41.83 2.05 28.10
N LEU C 84 -40.91 2.02 29.06
CA LEU C 84 -39.51 1.68 28.82
C LEU C 84 -39.00 0.70 29.87
N PRO C 85 -38.90 -0.59 29.54
CA PRO C 85 -38.17 -1.53 30.43
C PRO C 85 -36.69 -1.47 30.15
N SER C 86 -35.94 -0.94 31.12
CA SER C 86 -34.51 -0.70 30.93
C SER C 86 -33.73 -2.01 30.90
N SER C 87 -33.02 -2.25 29.79
CA SER C 87 -32.17 -3.41 29.64
C SER C 87 -30.72 -2.97 29.86
N GLU C 88 -29.77 -3.88 29.56
CA GLU C 88 -28.36 -3.59 29.76
C GLU C 88 -27.94 -2.35 28.96
N CYS C 89 -27.14 -1.51 29.60
CA CYS C 89 -26.69 -0.26 28.99
C CYS C 89 -25.36 -0.48 28.28
N GLY C 90 -25.11 0.34 27.26
CA GLY C 90 -23.84 0.35 26.56
C GLY C 90 -23.99 0.18 25.07
N VAL C 91 -22.86 0.23 24.39
CA VAL C 91 -22.81 0.15 22.92
C VAL C 91 -23.04 -1.30 22.50
N PRO C 92 -23.99 -1.57 21.60
CA PRO C 92 -24.23 -2.94 21.16
C PRO C 92 -23.17 -3.42 20.18
N VAL C 93 -23.24 -4.71 19.87
CA VAL C 93 -22.35 -5.32 18.89
C VAL C 93 -23.21 -5.97 17.81
N VAL C 94 -22.57 -6.41 16.72
CA VAL C 94 -23.27 -7.02 15.59
C VAL C 94 -22.43 -8.18 15.06
N ASN C 95 -23.05 -9.35 14.91
CA ASN C 95 -22.40 -10.45 14.21
C ASN C 95 -22.14 -10.08 12.75
N THR C 96 -20.87 -9.99 12.36
CA THR C 96 -20.48 -9.45 11.07
C THR C 96 -20.41 -10.51 9.96
N LYS C 97 -21.18 -11.60 10.10
CA LYS C 97 -21.19 -12.64 9.08
C LYS C 97 -21.85 -12.19 7.78
N LEU C 98 -22.67 -11.12 7.83
CA LEU C 98 -23.32 -10.61 6.64
C LEU C 98 -22.32 -10.33 5.51
N TRP C 99 -21.14 -9.83 5.87
CA TRP C 99 -20.08 -9.55 4.91
C TRP C 99 -19.09 -10.71 4.93
N SER C 100 -19.46 -11.79 4.24
CA SER C 100 -18.65 -13.00 4.24
C SER C 100 -17.26 -12.74 3.68
N HIS C 101 -17.17 -11.98 2.60
CA HIS C 101 -15.90 -11.58 1.99
C HIS C 101 -15.81 -10.07 2.00
N SER C 102 -15.37 -9.52 3.13
CA SER C 102 -14.99 -8.12 3.22
C SER C 102 -13.50 -7.91 2.93
N GLU C 103 -12.83 -8.93 2.42
CA GLU C 103 -11.39 -8.87 2.13
C GLU C 103 -11.10 -8.65 0.65
N SER C 104 -12.11 -8.75 -0.21
CA SER C 104 -11.91 -8.44 -1.63
C SER C 104 -11.58 -6.98 -1.86
N ASP C 105 -11.84 -6.10 -0.87
CA ASP C 105 -11.53 -4.67 -0.96
C ASP C 105 -12.24 -4.00 -2.13
N ASP C 106 -13.43 -4.48 -2.45
CA ASP C 106 -14.34 -3.81 -3.38
C ASP C 106 -15.58 -3.42 -2.61
N PHE C 107 -15.98 -2.14 -2.72
CA PHE C 107 -17.07 -1.62 -1.90
C PHE C 107 -18.39 -2.30 -2.20
N SER C 108 -18.53 -2.88 -3.40
CA SER C 108 -19.78 -3.54 -3.77
C SER C 108 -20.15 -4.63 -2.78
N ARG C 109 -19.21 -5.52 -2.48
CA ARG C 109 -19.45 -6.60 -1.53
C ARG C 109 -19.38 -6.11 -0.08
N ARG C 110 -19.24 -4.81 0.14
CA ARG C 110 -19.16 -4.27 1.49
C ARG C 110 -20.47 -3.68 1.98
N PHE C 111 -21.44 -3.46 1.10
CA PHE C 111 -22.69 -2.81 1.45
C PHE C 111 -23.84 -3.78 1.22
N VAL C 112 -24.39 -4.31 2.31
CA VAL C 112 -25.61 -5.10 2.28
C VAL C 112 -26.75 -4.20 2.74
N ASP C 113 -27.76 -4.06 1.89
CA ASP C 113 -28.87 -3.14 2.12
C ASP C 113 -30.15 -3.76 1.61
N ASP C 114 -31.05 -4.13 2.53
CA ASP C 114 -32.35 -4.68 2.16
C ASP C 114 -33.36 -3.52 2.11
N PHE C 115 -33.62 -3.04 0.90
CA PHE C 115 -34.58 -1.95 0.74
C PHE C 115 -36.02 -2.41 0.72
N SER C 116 -36.28 -3.72 0.90
CA SER C 116 -37.63 -4.21 0.96
C SER C 116 -38.35 -3.82 2.25
N LEU C 117 -37.63 -3.27 3.22
CA LEU C 117 -38.20 -2.86 4.49
C LEU C 117 -38.26 -1.34 4.52
N ASP C 118 -39.46 -0.80 4.77
CA ASP C 118 -39.66 0.64 4.83
C ASP C 118 -39.38 1.12 6.25
N ILE C 119 -39.71 2.38 6.54
CA ILE C 119 -39.42 2.98 7.83
C ILE C 119 -40.45 4.06 8.14
N GLU C 120 -40.87 4.12 9.39
CA GLU C 120 -41.76 5.17 9.89
C GLU C 120 -41.10 5.92 11.03
N VAL C 121 -41.45 7.20 11.18
CA VAL C 121 -40.90 8.05 12.23
C VAL C 121 -42.05 8.71 12.97
N ILE C 122 -42.12 8.47 14.28
CA ILE C 122 -43.11 9.09 15.17
C ILE C 122 -42.41 10.22 15.91
N ILE C 123 -42.69 11.45 15.52
CA ILE C 123 -42.02 12.65 16.03
C ILE C 123 -43.03 13.43 16.87
N SER C 124 -42.53 14.05 17.93
CA SER C 124 -43.34 14.93 18.77
C SER C 124 -42.45 16.04 19.31
N SER C 125 -43.09 17.00 19.98
CA SER C 125 -42.35 18.04 20.67
C SER C 125 -41.60 17.52 21.89
N GLU C 126 -41.80 16.27 22.27
CA GLU C 126 -41.15 15.70 23.45
C GLU C 126 -40.07 14.69 23.10
N SER C 127 -40.33 13.79 22.17
CA SER C 127 -39.38 12.75 21.81
C SER C 127 -39.62 12.32 20.37
N MET C 128 -38.77 11.45 19.87
CA MET C 128 -38.89 10.91 18.52
C MET C 128 -38.47 9.45 18.51
N LEU C 129 -39.27 8.60 17.87
CA LEU C 129 -38.97 7.19 17.72
C LEU C 129 -39.07 6.79 16.26
N LEU C 130 -38.35 5.74 15.93
CA LEU C 130 -38.18 5.24 14.57
C LEU C 130 -38.49 3.75 14.52
N THR C 131 -39.38 3.35 13.63
CA THR C 131 -39.75 1.95 13.48
C THR C 131 -39.36 1.48 12.08
N ILE C 132 -38.95 0.22 11.98
CA ILE C 132 -38.48 -0.31 10.70
C ILE C 132 -39.12 -1.67 10.44
N GLY C 133 -39.55 -1.89 9.20
CA GLY C 133 -39.98 -3.20 8.76
C GLY C 133 -41.47 -3.43 8.70
N GLU C 134 -42.27 -2.53 9.29
CA GLU C 134 -43.73 -2.69 9.34
C GLU C 134 -44.11 -4.03 9.99
N ASN C 135 -43.48 -4.31 11.15
CA ASN C 135 -43.65 -5.58 11.86
C ASN C 135 -43.99 -5.32 13.32
N LYS C 136 -44.77 -6.23 13.90
CA LYS C 136 -45.22 -6.13 15.30
C LYS C 136 -44.33 -7.01 16.18
N LYS C 137 -43.08 -6.59 16.29
CA LYS C 137 -42.07 -7.29 17.09
C LYS C 137 -41.43 -6.34 18.09
N VAL C 138 -41.27 -6.82 19.32
CA VAL C 138 -40.76 -6.01 20.44
C VAL C 138 -39.99 -6.94 21.38
N THR C 139 -38.81 -6.50 21.79
CA THR C 139 -37.99 -7.20 22.79
C THR C 139 -37.19 -6.15 23.56
N SER C 140 -36.12 -6.59 24.22
CA SER C 140 -35.40 -5.77 25.20
C SER C 140 -34.93 -4.45 24.57
N TRP C 141 -34.70 -3.46 25.42
CA TRP C 141 -34.36 -2.11 24.98
C TRP C 141 -32.98 -1.77 25.53
N ILE C 142 -31.97 -1.79 24.65
CA ILE C 142 -30.62 -1.38 25.06
C ILE C 142 -30.56 0.14 25.19
N LYS C 143 -29.84 0.61 26.20
CA LYS C 143 -29.77 2.04 26.53
C LYS C 143 -28.32 2.49 26.36
N CYS C 144 -28.00 3.08 25.21
CA CYS C 144 -26.64 3.59 24.99
C CYS C 144 -26.32 4.74 25.93
N SER C 145 -27.12 5.80 25.90
CA SER C 145 -27.00 6.90 26.84
C SER C 145 -28.39 7.28 27.31
N ASP C 146 -28.46 8.04 28.40
CA ASP C 146 -29.77 8.44 28.94
C ASP C 146 -30.59 9.21 27.92
N ASN C 147 -29.95 9.85 26.95
CA ASN C 147 -30.64 10.59 25.90
C ASN C 147 -30.85 9.78 24.63
N PHE C 148 -30.26 8.58 24.53
CA PHE C 148 -30.36 7.77 23.31
C PHE C 148 -30.51 6.30 23.69
N TYR C 149 -31.67 5.72 23.37
CA TYR C 149 -32.00 4.32 23.57
C TYR C 149 -32.18 3.61 22.24
N LEU C 150 -32.23 2.28 22.29
CA LEU C 150 -32.37 1.46 21.08
C LEU C 150 -33.05 0.14 21.44
N GLY C 151 -33.76 -0.44 20.49
CA GLY C 151 -34.54 -1.63 20.75
C GLY C 151 -34.39 -2.71 19.69
N ILE C 152 -34.25 -3.95 20.17
CA ILE C 152 -34.11 -5.12 19.31
C ILE C 152 -35.45 -5.85 19.22
N ASP C 153 -35.59 -6.67 18.19
CA ASP C 153 -36.78 -7.46 17.96
C ASP C 153 -36.55 -8.91 18.38
N ALA C 154 -37.63 -9.70 18.33
CA ALA C 154 -37.51 -11.11 18.66
C ALA C 154 -36.77 -11.89 17.59
N GLY C 155 -36.78 -11.41 16.35
CA GLY C 155 -36.12 -12.12 15.26
C GLY C 155 -34.69 -11.67 14.98
N ARG C 156 -33.93 -11.42 16.06
CA ARG C 156 -32.49 -11.13 15.97
C ARG C 156 -32.21 -9.93 15.06
N ASN C 157 -32.78 -8.77 15.42
CA ASN C 157 -32.59 -7.57 14.63
C ASN C 157 -33.03 -6.35 15.45
N VAL C 158 -32.42 -5.20 15.15
CA VAL C 158 -32.83 -3.92 15.71
C VAL C 158 -34.00 -3.36 14.91
N VAL C 159 -35.07 -2.95 15.61
CA VAL C 159 -36.34 -2.59 14.97
C VAL C 159 -36.75 -1.16 15.31
N HIS C 160 -36.66 -0.79 16.58
CA HIS C 160 -37.15 0.49 17.11
C HIS C 160 -35.98 1.31 17.63
N LEU C 161 -36.02 2.61 17.37
CA LEU C 161 -35.06 3.58 17.85
C LEU C 161 -35.81 4.66 18.62
N TYR C 162 -35.16 5.24 19.64
CA TYR C 162 -35.81 6.22 20.49
C TYR C 162 -34.83 7.34 20.84
N LEU C 163 -35.37 8.53 21.11
CA LEU C 163 -34.55 9.67 21.51
C LEU C 163 -35.20 10.42 22.67
N ASP C 164 -34.38 10.87 23.62
CA ASP C 164 -34.84 11.55 24.81
C ASP C 164 -34.13 12.90 24.98
N LYS C 165 -34.68 13.71 25.89
CA LYS C 165 -34.12 15.00 26.27
C LYS C 165 -33.97 15.95 25.09
N LEU C 166 -34.85 15.84 24.11
CA LEU C 166 -34.81 16.71 22.94
C LEU C 166 -35.72 17.91 23.14
N THR C 167 -35.17 19.10 22.91
CA THR C 167 -35.87 20.36 23.03
C THR C 167 -36.21 20.92 21.66
N PRO C 168 -37.47 21.27 21.40
CA PRO C 168 -37.91 21.61 20.03
C PRO C 168 -37.06 22.62 19.28
N SER C 169 -36.18 23.33 19.99
CA SER C 169 -35.29 24.27 19.32
C SER C 169 -34.44 23.60 18.25
N GLU C 170 -34.15 22.30 18.41
CA GLU C 170 -33.44 21.57 17.37
C GLU C 170 -34.37 20.74 16.48
N VAL C 171 -35.60 20.45 16.93
CA VAL C 171 -36.54 19.85 16.00
C VAL C 171 -36.93 20.87 14.94
N GLU C 172 -36.72 22.16 15.22
CA GLU C 172 -36.83 23.17 14.17
C GLU C 172 -35.90 22.85 13.00
N SER C 173 -34.63 22.60 13.29
CA SER C 173 -33.69 22.23 12.24
C SER C 173 -33.99 20.84 11.68
N PHE C 174 -34.46 19.93 12.54
CA PHE C 174 -34.85 18.59 12.06
C PHE C 174 -35.93 18.68 11.00
N PHE C 175 -36.92 19.55 11.21
CA PHE C 175 -37.98 19.73 10.23
C PHE C 175 -37.55 20.58 9.05
N GLU C 176 -36.57 21.48 9.26
CA GLU C 176 -35.97 22.16 8.12
C GLU C 176 -35.20 21.20 7.23
N ALA C 177 -34.73 20.08 7.79
CA ALA C 177 -33.95 19.11 7.03
C ALA C 177 -34.77 17.96 6.47
N VAL C 178 -35.92 17.63 7.07
CA VAL C 178 -36.68 16.46 6.62
C VAL C 178 -37.14 16.64 5.18
N GLY C 179 -37.54 17.86 4.81
CA GLY C 179 -37.95 18.14 3.45
C GLY C 179 -39.10 17.28 2.96
#